data_6X86
#
_entry.id   6X86
#
_cell.length_a   249.698
_cell.length_b   64.712
_cell.length_c   53.647
_cell.angle_alpha   90.000
_cell.angle_beta   94.420
_cell.angle_gamma   90.000
#
_symmetry.space_group_name_H-M   'C 1 2 1'
#
loop_
_entity.id
_entity.type
_entity.pdbx_description
1 polymer 'Tumor necrosis factor'
2 non-polymer 3-[(6-{2-[(3R)-4-(hydroxyacetyl)-3-methylpiperazin-1-yl]pyrimidin-5-yl}-2,2-dimethyl-3-oxo-2,3-dihydro-1H-indol-1-yl)methyl]pyridine-2-carbonitrile
3 water water
#
_entity_poly.entity_id   1
_entity_poly.type   'polypeptide(L)'
_entity_poly.pdbx_seq_one_letter_code
;MVRSSSRTPSDKPVAHVVANPQAEGQLQWLNRRANALLANGVELRDNQLVVPSEGLYLIYSQVLFKGQGCPSTHVLLTHT
ISRIAVSYQTKVNLLSAIKSPCQRETPEGAEAKPWYEPIYLGGVFQLEKGDRLSAEINRPDYLDFAESGQVYFGIIAL
;
_entity_poly.pdbx_strand_id   A,B,C,D,E,F
#
loop_
_chem_comp.id
_chem_comp.type
_chem_comp.name
_chem_comp.formula
UTY non-polymer 3-[(6-{2-[(3R)-4-(hydroxyacetyl)-3-methylpiperazin-1-yl]pyrimidin-5-yl}-2,2-dimethyl-3-oxo-2,3-dihydro-1H-indol-1-yl)methyl]pyridine-2-carbonitrile 'C28 H29 N7 O3'
#
# COMPACT_ATOMS: atom_id res chain seq x y z
N THR A 8 11.80 -22.38 -28.18
CA THR A 8 10.85 -21.42 -27.65
C THR A 8 10.66 -20.21 -28.60
N PRO A 9 9.41 -19.85 -28.99
CA PRO A 9 9.22 -18.67 -29.87
C PRO A 9 9.45 -17.33 -29.16
N SER A 10 9.40 -17.36 -27.81
CA SER A 10 9.65 -16.22 -26.93
C SER A 10 10.65 -16.60 -25.84
N ASP A 11 11.33 -15.60 -25.33
CA ASP A 11 12.32 -15.68 -24.25
C ASP A 11 11.75 -14.89 -23.08
N LYS A 12 10.42 -14.89 -22.93
CA LYS A 12 9.75 -14.11 -21.88
C LYS A 12 9.28 -14.97 -20.76
N PRO A 13 9.66 -14.64 -19.52
CA PRO A 13 9.23 -15.45 -18.37
C PRO A 13 7.73 -15.38 -18.08
N VAL A 14 7.05 -16.53 -18.23
CA VAL A 14 5.61 -16.66 -18.02
C VAL A 14 5.23 -17.88 -17.21
N ALA A 15 4.13 -17.80 -16.48
CA ALA A 15 3.59 -18.90 -15.66
C ALA A 15 2.13 -18.75 -15.47
N HIS A 16 1.44 -19.89 -15.47
CA HIS A 16 0.04 -20.00 -15.21
C HIS A 16 -0.11 -21.33 -14.46
N VAL A 17 -0.11 -21.28 -13.13
CA VAL A 17 -0.31 -22.46 -12.30
C VAL A 17 -1.78 -22.52 -11.84
N VAL A 18 -2.28 -23.73 -11.55
CA VAL A 18 -3.66 -24.00 -11.15
C VAL A 18 -3.79 -24.73 -9.82
N ALA A 19 -4.96 -24.66 -9.17
CA ALA A 19 -5.19 -25.27 -7.87
C ALA A 19 -5.44 -26.76 -7.98
N ASN A 20 -4.83 -27.54 -7.08
CA ASN A 20 -5.00 -28.98 -6.97
C ASN A 20 -6.38 -29.22 -6.32
N PRO A 21 -7.29 -29.93 -6.99
CA PRO A 21 -8.62 -30.13 -6.36
C PRO A 21 -8.68 -31.24 -5.29
N GLN A 22 -7.58 -32.02 -5.14
CA GLN A 22 -7.44 -33.15 -4.21
C GLN A 22 -6.71 -32.73 -2.92
N ALA A 23 -5.98 -31.59 -2.93
CA ALA A 23 -5.29 -31.16 -1.71
C ALA A 23 -6.35 -30.51 -0.78
N GLU A 24 -6.81 -31.22 0.26
CA GLU A 24 -7.87 -30.77 1.17
C GLU A 24 -7.37 -29.77 2.21
N GLY A 25 -8.21 -28.76 2.44
CA GLY A 25 -7.95 -27.66 3.36
C GLY A 25 -6.76 -26.81 2.97
N GLN A 26 -6.35 -26.77 1.68
CA GLN A 26 -5.22 -25.94 1.25
C GLN A 26 -5.28 -25.55 -0.20
N LEU A 27 -4.57 -24.45 -0.56
CA LEU A 27 -4.50 -23.93 -1.92
C LEU A 27 -3.11 -24.27 -2.42
N GLN A 28 -3.04 -25.41 -3.09
CA GLN A 28 -1.82 -26.00 -3.60
C GLN A 28 -1.72 -25.76 -5.10
N TRP A 29 -0.74 -24.97 -5.51
CA TRP A 29 -0.49 -24.64 -6.91
C TRP A 29 0.21 -25.76 -7.68
N LEU A 30 -0.28 -26.04 -8.89
CA LEU A 30 0.30 -27.03 -9.78
C LEU A 30 0.66 -26.52 -11.15
N ASN A 31 1.79 -26.99 -11.67
CA ASN A 31 2.27 -26.70 -13.02
C ASN A 31 2.34 -27.97 -13.82
N ARG A 32 2.44 -29.13 -13.11
CA ARG A 32 2.54 -30.48 -13.69
C ARG A 32 1.18 -31.03 -13.99
N ARG A 33 0.42 -30.32 -14.83
CA ARG A 33 -0.93 -30.68 -15.28
C ARG A 33 -1.12 -30.12 -16.68
N ALA A 34 -2.15 -30.61 -17.39
CA ALA A 34 -2.46 -30.12 -18.73
C ALA A 34 -3.08 -28.74 -18.55
N ASN A 35 -2.75 -27.80 -19.46
CA ASN A 35 -3.26 -26.42 -19.46
C ASN A 35 -2.76 -25.53 -18.26
N ALA A 36 -1.58 -25.86 -17.69
CA ALA A 36 -0.94 -25.17 -16.57
C ALA A 36 0.54 -25.17 -16.90
N LEU A 37 1.20 -23.98 -16.96
CA LEU A 37 2.61 -23.97 -17.34
C LEU A 37 3.50 -23.05 -16.59
N LEU A 38 4.79 -23.35 -16.75
CA LEU A 38 5.95 -22.62 -16.27
C LEU A 38 6.83 -22.56 -17.50
N ALA A 39 7.44 -21.38 -17.75
CA ALA A 39 8.28 -21.17 -18.93
C ALA A 39 9.31 -20.07 -18.74
N ASN A 40 10.38 -20.14 -19.56
CA ASN A 40 11.49 -19.21 -19.67
C ASN A 40 12.09 -18.77 -18.32
N GLY A 41 12.33 -19.74 -17.44
CA GLY A 41 12.96 -19.48 -16.15
C GLY A 41 12.07 -19.43 -14.93
N VAL A 42 10.73 -19.34 -15.09
CA VAL A 42 9.84 -19.28 -13.92
C VAL A 42 9.83 -20.65 -13.22
N GLU A 43 9.91 -20.64 -11.89
CA GLU A 43 9.96 -21.83 -11.08
C GLU A 43 8.88 -21.85 -10.03
N LEU A 44 8.28 -23.03 -9.81
CA LEU A 44 7.30 -23.20 -8.74
C LEU A 44 8.01 -23.99 -7.65
N ARG A 45 8.40 -23.29 -6.59
CA ARG A 45 9.16 -23.82 -5.47
C ARG A 45 8.41 -23.50 -4.17
N ASP A 46 8.08 -24.52 -3.36
CA ASP A 46 7.41 -24.37 -2.05
C ASP A 46 6.15 -23.50 -2.15
N ASN A 47 5.28 -23.87 -3.14
CA ASN A 47 4.00 -23.25 -3.47
C ASN A 47 4.13 -21.77 -3.89
N GLN A 48 5.32 -21.39 -4.37
CA GLN A 48 5.63 -20.01 -4.76
C GLN A 48 6.24 -19.85 -6.14
N LEU A 49 5.91 -18.76 -6.79
CA LEU A 49 6.48 -18.50 -8.10
C LEU A 49 7.73 -17.70 -7.90
N VAL A 50 8.80 -18.15 -8.54
CA VAL A 50 10.14 -17.55 -8.45
C VAL A 50 10.46 -16.79 -9.75
N VAL A 51 10.65 -15.49 -9.62
CA VAL A 51 10.94 -14.61 -10.75
C VAL A 51 12.39 -14.84 -11.24
N PRO A 52 12.58 -15.16 -12.53
CA PRO A 52 13.93 -15.44 -13.03
C PRO A 52 14.76 -14.23 -13.43
N SER A 53 14.14 -13.02 -13.51
CA SER A 53 14.85 -11.81 -13.94
C SER A 53 14.14 -10.52 -13.57
N GLU A 54 14.90 -9.45 -13.33
CA GLU A 54 14.39 -8.11 -13.06
C GLU A 54 13.50 -7.64 -14.24
N GLY A 55 12.41 -6.94 -13.93
CA GLY A 55 11.50 -6.39 -14.94
C GLY A 55 10.09 -6.13 -14.45
N LEU A 56 9.22 -5.67 -15.36
CA LEU A 56 7.81 -5.43 -15.08
C LEU A 56 7.06 -6.69 -15.36
N TYR A 57 6.17 -7.07 -14.45
CA TYR A 57 5.39 -8.30 -14.60
C TYR A 57 3.93 -8.07 -14.33
N LEU A 58 3.08 -8.79 -15.06
CA LEU A 58 1.66 -8.80 -14.76
C LEU A 58 1.55 -9.93 -13.76
N ILE A 59 0.94 -9.66 -12.62
CA ILE A 59 0.72 -10.69 -11.62
C ILE A 59 -0.79 -10.78 -11.51
N TYR A 60 -1.31 -12.01 -11.61
CA TYR A 60 -2.74 -12.25 -11.52
C TYR A 60 -3.07 -13.52 -10.77
N SER A 61 -4.25 -13.52 -10.15
CA SER A 61 -4.76 -14.65 -9.42
C SER A 61 -6.27 -14.64 -9.37
N GLN A 62 -6.90 -15.82 -9.65
CA GLN A 62 -8.35 -15.95 -9.50
C GLN A 62 -8.64 -17.07 -8.57
N VAL A 63 -9.55 -16.85 -7.61
CA VAL A 63 -10.00 -17.86 -6.64
C VAL A 63 -11.51 -17.79 -6.59
N LEU A 64 -12.18 -18.95 -6.48
CA LEU A 64 -13.64 -18.96 -6.40
C LEU A 64 -14.07 -19.58 -5.09
N PHE A 65 -14.94 -18.89 -4.34
CA PHE A 65 -15.46 -19.45 -3.11
C PHE A 65 -16.93 -19.80 -3.31
N LYS A 66 -17.38 -20.91 -2.70
CA LYS A 66 -18.77 -21.38 -2.72
C LYS A 66 -19.15 -21.85 -1.31
N GLY A 67 -20.37 -21.57 -0.90
CA GLY A 67 -20.89 -21.98 0.40
C GLY A 67 -22.38 -22.18 0.33
N GLN A 68 -22.89 -23.30 0.80
CA GLN A 68 -24.34 -23.52 0.70
C GLN A 68 -24.98 -22.88 1.89
N GLY A 69 -25.72 -21.82 1.61
CA GLY A 69 -26.40 -21.05 2.64
C GLY A 69 -25.50 -20.15 3.48
N CYS A 70 -26.15 -19.16 4.11
CA CYS A 70 -25.54 -18.16 4.99
C CYS A 70 -25.96 -18.49 6.42
N PRO A 71 -25.10 -19.11 7.25
CA PRO A 71 -25.55 -19.51 8.60
C PRO A 71 -25.64 -18.32 9.57
N SER A 72 -25.80 -18.62 10.88
CA SER A 72 -25.90 -17.63 11.95
C SER A 72 -24.54 -16.91 12.22
N THR A 73 -23.70 -16.78 11.15
CA THR A 73 -22.37 -16.17 11.18
C THR A 73 -22.13 -15.11 10.08
N HIS A 74 -21.03 -14.34 10.29
CA HIS A 74 -20.49 -13.30 9.40
C HIS A 74 -19.11 -13.85 8.97
N VAL A 75 -19.07 -14.48 7.78
CA VAL A 75 -17.89 -15.07 7.19
C VAL A 75 -17.01 -14.01 6.52
N LEU A 76 -15.68 -14.24 6.58
CA LEU A 76 -14.71 -13.33 6.00
C LEU A 76 -13.80 -14.08 5.06
N LEU A 77 -13.76 -13.67 3.79
CA LEU A 77 -12.96 -14.30 2.76
C LEU A 77 -11.84 -13.37 2.29
N THR A 78 -10.61 -13.81 2.47
CA THR A 78 -9.46 -13.01 2.06
C THR A 78 -8.66 -13.71 0.99
N HIS A 79 -8.05 -12.92 0.11
CA HIS A 79 -7.19 -13.41 -0.94
C HIS A 79 -6.11 -12.37 -1.06
N THR A 80 -4.85 -12.83 -1.10
CA THR A 80 -3.68 -11.96 -1.10
C THR A 80 -2.53 -12.48 -1.92
N ILE A 81 -1.91 -11.59 -2.73
CA ILE A 81 -0.67 -11.84 -3.48
C ILE A 81 0.47 -11.13 -2.75
N SER A 82 1.41 -11.93 -2.21
CA SER A 82 2.58 -11.44 -1.47
C SER A 82 3.89 -11.59 -2.23
N ARG A 83 4.83 -10.70 -1.92
CA ARG A 83 6.16 -10.67 -2.52
C ARG A 83 7.23 -10.85 -1.44
N ILE A 84 8.19 -11.73 -1.67
CA ILE A 84 9.33 -11.96 -0.77
C ILE A 84 10.62 -11.71 -1.58
N ALA A 85 11.38 -10.68 -1.23
CA ALA A 85 12.58 -10.39 -2.00
C ALA A 85 13.82 -10.91 -1.26
N VAL A 86 14.85 -11.41 -2.00
CA VAL A 86 16.13 -11.91 -1.43
C VAL A 86 16.67 -10.83 -0.49
N SER A 87 16.90 -9.68 -1.09
CA SER A 87 17.44 -8.48 -0.47
C SER A 87 16.64 -8.10 0.78
N TYR A 88 17.35 -7.98 1.92
CA TYR A 88 16.85 -7.59 3.27
C TYR A 88 15.75 -8.52 3.82
N GLN A 89 15.48 -9.62 3.06
CA GLN A 89 14.41 -10.59 3.31
C GLN A 89 13.11 -9.79 3.45
N THR A 90 12.85 -8.88 2.46
CA THR A 90 11.74 -7.93 2.41
C THR A 90 10.48 -8.57 1.90
N LYS A 91 9.55 -8.75 2.85
CA LYS A 91 8.23 -9.34 2.67
C LYS A 91 7.24 -8.17 2.56
N VAL A 92 6.59 -8.07 1.39
CA VAL A 92 5.65 -7.00 1.09
C VAL A 92 4.33 -7.53 0.49
N ASN A 93 3.21 -6.88 0.85
CA ASN A 93 1.88 -7.23 0.33
C ASN A 93 1.60 -6.54 -1.02
N LEU A 94 1.31 -7.28 -2.10
CA LEU A 94 1.13 -6.57 -3.37
C LEU A 94 -0.32 -6.21 -3.65
N LEU A 95 -1.19 -7.23 -3.62
CA LEU A 95 -2.61 -7.09 -3.91
C LEU A 95 -3.36 -7.91 -2.87
N SER A 96 -4.48 -7.36 -2.41
CA SER A 96 -5.31 -8.05 -1.43
C SER A 96 -6.78 -7.67 -1.56
N ALA A 97 -7.67 -8.58 -1.21
CA ALA A 97 -9.11 -8.37 -1.23
C ALA A 97 -9.76 -9.07 -0.04
N ILE A 98 -10.80 -8.45 0.54
CA ILE A 98 -11.59 -9.00 1.64
C ILE A 98 -13.03 -8.97 1.17
N LYS A 99 -13.74 -10.10 1.28
CA LYS A 99 -15.15 -10.22 0.89
C LYS A 99 -15.99 -10.97 1.96
N SER A 100 -17.14 -10.38 2.33
CA SER A 100 -18.07 -10.97 3.29
C SER A 100 -19.24 -11.47 2.46
N PRO A 101 -19.37 -12.79 2.19
CA PRO A 101 -20.45 -13.25 1.30
C PRO A 101 -21.84 -13.22 1.93
N CYS A 102 -21.91 -13.06 3.25
CA CYS A 102 -23.15 -13.05 4.00
C CYS A 102 -23.42 -11.67 4.64
N GLN A 103 -24.53 -11.04 4.25
CA GLN A 103 -25.01 -9.73 4.71
C GLN A 103 -26.50 -9.88 5.08
N ARG A 104 -27.00 -11.14 5.00
CA ARG A 104 -28.36 -11.58 5.30
C ARG A 104 -28.34 -13.08 5.70
N GLU A 105 -28.52 -13.35 7.02
CA GLU A 105 -28.56 -14.69 7.62
C GLU A 105 -29.87 -15.40 7.25
N THR A 106 -29.74 -16.62 6.70
CA THR A 106 -30.88 -17.45 6.28
C THR A 106 -31.45 -18.23 7.50
N PRO A 107 -32.67 -17.89 8.02
CA PRO A 107 -33.19 -18.63 9.19
C PRO A 107 -33.75 -20.02 8.85
N GLU A 108 -33.55 -21.03 9.74
CA GLU A 108 -34.07 -22.39 9.50
C GLU A 108 -35.60 -22.43 9.61
N GLY A 109 -36.20 -22.52 8.43
CA GLY A 109 -37.63 -22.52 8.13
C GLY A 109 -37.70 -22.19 6.66
N ALA A 110 -36.70 -21.40 6.22
CA ALA A 110 -36.39 -20.99 4.86
C ALA A 110 -35.23 -21.90 4.40
N GLU A 111 -35.24 -22.26 3.10
CA GLU A 111 -34.25 -23.13 2.46
C GLU A 111 -32.92 -22.41 2.30
N ALA A 112 -31.81 -23.17 2.29
CA ALA A 112 -30.48 -22.60 2.10
C ALA A 112 -30.22 -22.41 0.59
N LYS A 113 -29.84 -21.17 0.21
CA LYS A 113 -29.45 -20.82 -1.16
C LYS A 113 -27.90 -20.72 -1.26
N PRO A 114 -27.26 -21.49 -2.18
CA PRO A 114 -25.78 -21.44 -2.23
C PRO A 114 -25.23 -20.15 -2.79
N TRP A 115 -24.25 -19.56 -2.09
CA TRP A 115 -23.58 -18.33 -2.49
C TRP A 115 -22.29 -18.59 -3.23
N TYR A 116 -21.89 -17.63 -4.08
CA TYR A 116 -20.68 -17.69 -4.89
C TYR A 116 -19.95 -16.37 -4.80
N GLU A 117 -18.66 -16.41 -4.45
CA GLU A 117 -17.86 -15.18 -4.32
C GLU A 117 -16.53 -15.32 -5.06
N PRO A 118 -16.40 -14.83 -6.30
CA PRO A 118 -15.10 -14.93 -6.95
C PRO A 118 -14.21 -13.76 -6.50
N ILE A 119 -12.90 -13.98 -6.44
CA ILE A 119 -11.96 -12.92 -6.12
C ILE A 119 -10.86 -12.97 -7.19
N TYR A 120 -10.64 -11.86 -7.90
CA TYR A 120 -9.55 -11.77 -8.87
C TYR A 120 -8.66 -10.62 -8.45
N LEU A 121 -7.36 -10.87 -8.37
CA LEU A 121 -6.38 -9.87 -8.07
C LEU A 121 -5.40 -9.82 -9.22
N GLY A 122 -5.01 -8.61 -9.59
CA GLY A 122 -4.09 -8.39 -10.68
C GLY A 122 -3.56 -6.99 -10.75
N GLY A 123 -2.32 -6.88 -11.20
CA GLY A 123 -1.61 -5.63 -11.39
C GLY A 123 -0.26 -5.82 -12.07
N VAL A 124 0.39 -4.70 -12.40
CA VAL A 124 1.72 -4.66 -13.01
C VAL A 124 2.71 -4.20 -11.93
N PHE A 125 3.79 -4.97 -11.74
CA PHE A 125 4.77 -4.71 -10.69
C PHE A 125 6.19 -4.91 -11.17
N GLN A 126 7.11 -4.13 -10.56
CA GLN A 126 8.54 -4.23 -10.82
C GLN A 126 9.04 -5.31 -9.85
N LEU A 127 9.63 -6.37 -10.41
CA LEU A 127 10.16 -7.47 -9.61
C LEU A 127 11.63 -7.69 -9.96
N GLU A 128 12.42 -8.11 -8.96
CA GLU A 128 13.85 -8.39 -9.08
C GLU A 128 14.08 -9.89 -9.06
N LYS A 129 15.13 -10.37 -9.75
CA LYS A 129 15.50 -11.78 -9.85
C LYS A 129 15.56 -12.46 -8.47
N GLY A 130 14.88 -13.60 -8.32
CA GLY A 130 14.87 -14.35 -7.07
C GLY A 130 13.70 -14.11 -6.12
N ASP A 131 12.82 -13.14 -6.46
CA ASP A 131 11.63 -12.81 -5.67
C ASP A 131 10.67 -13.98 -5.69
N ARG A 132 10.12 -14.30 -4.52
CA ARG A 132 9.14 -15.36 -4.39
C ARG A 132 7.76 -14.74 -4.20
N LEU A 133 6.80 -15.15 -5.04
CA LEU A 133 5.43 -14.64 -5.04
C LEU A 133 4.44 -15.70 -4.60
N SER A 134 3.53 -15.34 -3.69
CA SER A 134 2.54 -16.28 -3.17
C SER A 134 1.10 -15.76 -3.27
N ALA A 135 0.18 -16.62 -3.77
CA ALA A 135 -1.25 -16.31 -3.87
C ALA A 135 -1.96 -17.11 -2.76
N GLU A 136 -2.47 -16.43 -1.74
CA GLU A 136 -3.01 -17.11 -0.57
C GLU A 136 -4.42 -16.72 -0.17
N ILE A 137 -5.14 -17.68 0.47
CA ILE A 137 -6.49 -17.47 0.97
C ILE A 137 -6.60 -17.85 2.44
N ASN A 138 -7.60 -17.33 3.16
CA ASN A 138 -7.79 -17.69 4.58
C ASN A 138 -8.73 -18.91 4.76
N ARG A 139 -9.70 -19.13 3.84
CA ARG A 139 -10.65 -20.21 4.00
C ARG A 139 -10.62 -21.25 2.88
N PRO A 140 -9.66 -22.20 2.88
CA PRO A 140 -9.60 -23.21 1.81
C PRO A 140 -10.75 -24.21 1.79
N ASP A 141 -11.53 -24.25 2.89
CA ASP A 141 -12.73 -25.09 3.02
C ASP A 141 -13.84 -24.58 2.12
N TYR A 142 -13.84 -23.26 1.85
CA TYR A 142 -14.82 -22.62 1.00
C TYR A 142 -14.41 -22.56 -0.48
N LEU A 143 -13.26 -23.12 -0.87
CA LEU A 143 -12.81 -23.11 -2.28
C LEU A 143 -13.78 -23.92 -3.18
N ASP A 144 -13.92 -23.56 -4.47
CA ASP A 144 -14.82 -24.28 -5.39
C ASP A 144 -14.13 -24.93 -6.55
N PHE A 145 -14.23 -26.27 -6.57
CA PHE A 145 -13.62 -27.12 -7.60
C PHE A 145 -14.63 -27.83 -8.52
N ALA A 146 -15.94 -27.41 -8.49
CA ALA A 146 -17.01 -27.97 -9.33
C ALA A 146 -16.57 -28.03 -10.78
N GLU A 147 -15.87 -26.98 -11.23
CA GLU A 147 -15.31 -26.89 -12.57
C GLU A 147 -13.84 -26.46 -12.46
N SER A 148 -13.06 -26.68 -13.51
CA SER A 148 -11.65 -26.36 -13.54
C SER A 148 -11.42 -25.16 -14.41
N GLY A 149 -10.40 -24.39 -14.08
CA GLY A 149 -10.06 -23.13 -14.75
C GLY A 149 -10.56 -21.94 -13.97
N GLN A 150 -11.07 -22.18 -12.74
CA GLN A 150 -11.60 -21.14 -11.83
C GLN A 150 -10.51 -20.60 -10.89
N VAL A 151 -9.72 -21.50 -10.31
CA VAL A 151 -8.65 -21.13 -9.41
C VAL A 151 -7.25 -21.22 -10.11
N TYR A 152 -6.63 -20.06 -10.33
CA TYR A 152 -5.32 -19.97 -10.97
C TYR A 152 -4.47 -18.80 -10.42
N PHE A 153 -3.12 -18.94 -10.60
CA PHE A 153 -2.06 -17.97 -10.26
C PHE A 153 -1.11 -17.89 -11.50
N GLY A 154 -0.66 -16.69 -11.82
CA GLY A 154 0.21 -16.51 -12.97
C GLY A 154 0.93 -15.19 -13.07
N ILE A 155 1.98 -15.16 -13.84
CA ILE A 155 2.81 -13.98 -14.04
C ILE A 155 3.20 -13.92 -15.52
N ILE A 156 3.23 -12.69 -16.08
CA ILE A 156 3.61 -12.46 -17.47
C ILE A 156 4.55 -11.29 -17.51
N ALA A 157 5.80 -11.54 -17.95
CA ALA A 157 6.80 -10.46 -18.06
C ALA A 157 6.43 -9.51 -19.21
N LEU A 158 6.75 -8.22 -19.08
CA LEU A 158 6.44 -7.30 -20.15
C LEU A 158 7.70 -6.92 -20.95
N ASP B 11 13.26 -2.01 -29.57
CA ASP B 11 12.84 -2.00 -30.98
C ASP B 11 11.33 -1.71 -31.16
N LYS B 12 10.46 -2.50 -30.48
CA LYS B 12 9.00 -2.37 -30.57
C LYS B 12 8.43 -1.28 -29.63
N PRO B 13 7.63 -0.35 -30.21
CA PRO B 13 6.98 0.74 -29.44
C PRO B 13 6.14 0.24 -28.26
N VAL B 14 6.43 0.73 -27.05
CA VAL B 14 5.75 0.33 -25.81
C VAL B 14 5.45 1.48 -24.86
N ALA B 15 4.36 1.36 -24.11
CA ALA B 15 3.96 2.32 -23.10
C ALA B 15 3.20 1.65 -21.98
N HIS B 16 3.50 2.07 -20.76
CA HIS B 16 2.81 1.65 -19.56
C HIS B 16 2.67 2.91 -18.73
N VAL B 17 1.53 3.58 -18.85
CA VAL B 17 1.28 4.78 -18.09
C VAL B 17 0.43 4.46 -16.83
N VAL B 18 0.56 5.27 -15.78
CA VAL B 18 -0.18 5.06 -14.54
C VAL B 18 -0.98 6.31 -14.15
N ALA B 19 -1.98 6.17 -13.28
CA ALA B 19 -2.80 7.28 -12.82
C ALA B 19 -2.06 8.20 -11.86
N ASN B 20 -2.27 9.53 -12.01
CA ASN B 20 -1.67 10.54 -11.16
C ASN B 20 -2.41 10.53 -9.81
N PRO B 21 -1.75 10.16 -8.69
CA PRO B 21 -2.48 10.10 -7.41
C PRO B 21 -2.89 11.49 -6.89
N GLN B 22 -2.00 12.48 -7.17
CA GLN B 22 -2.06 13.88 -6.81
C GLN B 22 -3.15 14.63 -7.59
N ALA B 23 -3.41 14.23 -8.86
CA ALA B 23 -4.44 14.85 -9.70
C ALA B 23 -5.81 14.18 -9.44
N GLU B 24 -6.34 14.35 -8.21
CA GLU B 24 -7.62 13.82 -7.72
C GLU B 24 -8.87 14.34 -8.45
N GLY B 25 -9.80 13.44 -8.77
CA GLY B 25 -11.06 13.74 -9.45
C GLY B 25 -10.94 13.70 -10.96
N GLN B 26 -9.78 13.15 -11.43
CA GLN B 26 -9.39 12.98 -12.82
C GLN B 26 -8.62 11.70 -13.01
N LEU B 27 -8.78 11.09 -14.19
CA LEU B 27 -7.96 9.96 -14.56
C LEU B 27 -6.91 10.56 -15.50
N GLN B 28 -5.83 10.99 -14.90
CA GLN B 28 -4.74 11.64 -15.60
C GLN B 28 -3.55 10.66 -15.68
N TRP B 29 -3.21 10.26 -16.91
CA TRP B 29 -2.12 9.33 -17.18
C TRP B 29 -0.75 10.00 -17.12
N LEU B 30 0.19 9.38 -16.40
CA LEU B 30 1.58 9.81 -16.25
C LEU B 30 2.51 8.79 -16.90
N ASN B 31 3.41 9.27 -17.79
CA ASN B 31 4.40 8.38 -18.40
C ASN B 31 5.64 8.30 -17.48
N ARG B 32 6.72 7.60 -17.89
CA ARG B 32 7.93 7.41 -17.05
C ARG B 32 8.72 8.69 -16.87
N GLY B 41 8.77 2.90 -27.06
CA GLY B 41 8.68 4.36 -26.94
C GLY B 41 7.53 5.04 -27.66
N VAL B 42 6.28 4.82 -27.15
CA VAL B 42 5.00 5.39 -27.62
C VAL B 42 4.81 6.72 -26.87
N GLU B 43 4.30 7.78 -27.55
CA GLU B 43 4.10 9.07 -26.86
C GLU B 43 2.66 9.27 -26.32
N LEU B 44 2.58 10.00 -25.18
CA LEU B 44 1.39 10.40 -24.40
C LEU B 44 1.12 11.88 -24.64
N ARG B 45 0.08 12.15 -25.46
CA ARG B 45 -0.32 13.50 -25.88
C ARG B 45 -1.80 13.72 -25.58
N ASP B 46 -2.14 14.76 -24.78
CA ASP B 46 -3.52 15.11 -24.39
C ASP B 46 -4.24 13.93 -23.74
N ASN B 47 -3.56 13.30 -22.74
CA ASN B 47 -4.04 12.12 -21.98
C ASN B 47 -4.33 10.90 -22.86
N GLN B 48 -3.85 10.90 -24.11
CA GLN B 48 -4.06 9.81 -25.06
C GLN B 48 -2.74 9.22 -25.53
N LEU B 49 -2.75 7.91 -25.81
CA LEU B 49 -1.57 7.24 -26.31
C LEU B 49 -1.61 7.30 -27.84
N VAL B 50 -0.52 7.78 -28.41
CA VAL B 50 -0.37 7.98 -29.84
C VAL B 50 0.49 6.87 -30.44
N VAL B 51 -0.10 6.09 -31.35
CA VAL B 51 0.59 4.98 -31.98
C VAL B 51 1.65 5.50 -32.97
N PRO B 52 2.93 5.12 -32.82
CA PRO B 52 3.96 5.67 -33.72
C PRO B 52 4.13 4.94 -35.04
N SER B 53 3.51 3.76 -35.22
CA SER B 53 3.63 2.97 -36.46
C SER B 53 2.54 1.93 -36.62
N GLU B 54 2.19 1.60 -37.87
CA GLU B 54 1.25 0.55 -38.18
C GLU B 54 1.73 -0.78 -37.56
N GLY B 55 0.79 -1.60 -37.08
CA GLY B 55 1.11 -2.90 -36.50
C GLY B 55 0.07 -3.43 -35.53
N LEU B 56 0.33 -4.62 -35.01
CA LEU B 56 -0.54 -5.27 -34.02
C LEU B 56 -0.08 -4.81 -32.67
N TYR B 57 -1.03 -4.43 -31.81
CA TYR B 57 -0.70 -3.95 -30.48
C TYR B 57 -1.53 -4.60 -29.44
N LEU B 58 -0.92 -4.86 -28.30
CA LEU B 58 -1.64 -5.34 -27.14
C LEU B 58 -2.08 -4.06 -26.46
N ILE B 59 -3.36 -3.93 -26.19
CA ILE B 59 -3.87 -2.76 -25.49
C ILE B 59 -4.43 -3.30 -24.19
N TYR B 60 -4.06 -2.68 -23.08
CA TYR B 60 -4.50 -3.13 -21.76
C TYR B 60 -4.71 -1.98 -20.80
N SER B 61 -5.53 -2.24 -19.77
CA SER B 61 -5.91 -1.31 -18.73
C SER B 61 -6.60 -1.96 -17.57
N GLN B 62 -6.48 -1.35 -16.41
CA GLN B 62 -7.18 -1.75 -15.19
C GLN B 62 -7.44 -0.46 -14.42
N VAL B 63 -8.60 -0.40 -13.77
CA VAL B 63 -9.03 0.71 -12.93
C VAL B 63 -9.62 0.10 -11.71
N LEU B 64 -9.40 0.70 -10.55
CA LEU B 64 -9.89 0.15 -9.26
C LEU B 64 -10.76 1.22 -8.59
N PHE B 65 -12.06 0.89 -8.36
CA PHE B 65 -13.06 1.76 -7.76
C PHE B 65 -13.32 1.33 -6.32
N LYS B 66 -13.59 2.31 -5.45
CA LYS B 66 -13.91 2.17 -4.03
C LYS B 66 -15.03 3.14 -3.67
N GLY B 67 -15.93 2.69 -2.83
CA GLY B 67 -17.05 3.52 -2.39
C GLY B 67 -17.47 3.13 -1.00
N GLN B 68 -17.62 4.13 -0.11
CA GLN B 68 -18.05 3.93 1.29
C GLN B 68 -19.55 3.73 1.29
N GLY B 69 -19.99 2.49 1.46
CA GLY B 69 -21.40 2.13 1.47
C GLY B 69 -22.07 2.29 0.12
N CYS B 70 -23.31 1.85 0.02
CA CYS B 70 -24.06 1.94 -1.24
C CYS B 70 -25.11 3.09 -1.27
N PRO B 71 -24.97 4.12 -2.19
CA PRO B 71 -25.99 5.19 -2.24
C PRO B 71 -27.28 4.70 -2.85
N SER B 72 -28.41 5.37 -2.48
CA SER B 72 -29.77 5.05 -2.96
C SER B 72 -29.92 5.25 -4.48
N THR B 73 -29.10 6.14 -5.10
CA THR B 73 -29.07 6.32 -6.56
C THR B 73 -28.23 5.15 -7.06
N HIS B 74 -28.80 4.39 -8.02
CA HIS B 74 -28.15 3.22 -8.61
C HIS B 74 -26.94 3.67 -9.44
N VAL B 75 -25.74 3.24 -8.99
CA VAL B 75 -24.46 3.57 -9.60
C VAL B 75 -24.08 2.56 -10.70
N LEU B 76 -23.47 3.09 -11.78
CA LEU B 76 -22.91 2.37 -12.93
C LEU B 76 -21.48 2.86 -13.07
N LEU B 77 -20.54 1.92 -13.07
CA LEU B 77 -19.12 2.16 -13.22
C LEU B 77 -18.70 1.69 -14.59
N THR B 78 -18.15 2.60 -15.40
CA THR B 78 -17.73 2.25 -16.74
C THR B 78 -16.26 2.49 -16.91
N HIS B 79 -15.63 1.61 -17.69
CA HIS B 79 -14.25 1.72 -18.11
C HIS B 79 -14.22 1.41 -19.58
N THR B 80 -13.57 2.30 -20.37
CA THR B 80 -13.54 2.13 -21.83
C THR B 80 -12.25 2.56 -22.46
N ILE B 81 -11.74 1.75 -23.43
CA ILE B 81 -10.58 2.13 -24.26
C ILE B 81 -11.17 2.45 -25.59
N SER B 82 -10.91 3.69 -26.07
CA SER B 82 -11.38 4.18 -27.35
C SER B 82 -10.27 4.44 -28.32
N ARG B 83 -10.57 4.30 -29.64
CA ARG B 83 -9.65 4.50 -30.75
C ARG B 83 -10.12 5.66 -31.61
N ILE B 84 -9.18 6.55 -31.94
CA ILE B 84 -9.44 7.69 -32.84
C ILE B 84 -8.49 7.46 -33.99
N ALA B 85 -9.02 6.74 -35.01
CA ALA B 85 -8.30 6.31 -36.21
C ALA B 85 -7.87 7.52 -37.02
N VAL B 86 -6.61 7.46 -37.51
CA VAL B 86 -5.97 8.51 -38.33
C VAL B 86 -6.81 8.80 -39.58
N SER B 87 -7.28 7.72 -40.25
CA SER B 87 -8.12 7.76 -41.43
C SER B 87 -9.49 8.40 -41.16
N TYR B 88 -10.37 7.70 -40.42
CA TYR B 88 -11.74 8.11 -40.08
C TYR B 88 -11.81 8.55 -38.61
N GLN B 89 -11.38 9.80 -38.34
CA GLN B 89 -11.28 10.55 -37.07
C GLN B 89 -12.55 10.51 -36.21
N THR B 90 -12.91 9.34 -35.71
CA THR B 90 -14.12 9.10 -34.91
C THR B 90 -13.81 8.26 -33.68
N LYS B 91 -14.32 8.65 -32.49
CA LYS B 91 -14.10 7.87 -31.26
C LYS B 91 -14.95 6.63 -31.32
N VAL B 92 -14.25 5.48 -31.33
CA VAL B 92 -14.78 4.11 -31.41
C VAL B 92 -14.32 3.34 -30.20
N ASN B 93 -15.22 2.57 -29.64
CA ASN B 93 -14.87 1.78 -28.48
C ASN B 93 -14.23 0.46 -28.91
N LEU B 94 -13.02 0.20 -28.37
CA LEU B 94 -12.31 -1.06 -28.60
C LEU B 94 -12.68 -2.04 -27.52
N LEU B 95 -12.56 -1.60 -26.26
CA LEU B 95 -12.84 -2.45 -25.09
C LEU B 95 -13.60 -1.66 -24.10
N SER B 96 -14.62 -2.28 -23.52
CA SER B 96 -15.48 -1.62 -22.55
C SER B 96 -16.14 -2.57 -21.59
N ALA B 97 -16.31 -2.10 -20.35
CA ALA B 97 -17.02 -2.86 -19.34
C ALA B 97 -17.87 -1.91 -18.48
N ILE B 98 -18.95 -2.47 -17.92
CA ILE B 98 -19.89 -1.75 -17.05
C ILE B 98 -20.02 -2.62 -15.81
N LYS B 99 -20.05 -1.98 -14.63
CA LYS B 99 -20.17 -2.66 -13.33
C LYS B 99 -21.08 -1.89 -12.35
N SER B 100 -22.06 -2.61 -11.77
CA SER B 100 -22.98 -2.05 -10.78
C SER B 100 -22.51 -2.59 -9.43
N PRO B 101 -21.77 -1.81 -8.62
CA PRO B 101 -21.28 -2.36 -7.33
C PRO B 101 -22.36 -2.49 -6.26
N CYS B 102 -23.53 -1.89 -6.48
CA CYS B 102 -24.64 -1.87 -5.55
C CYS B 102 -25.86 -2.65 -6.05
N GLN B 103 -26.19 -3.75 -5.35
N LYS B 113 -20.71 -0.12 4.99
CA LYS B 113 -19.62 -1.01 4.59
C LYS B 113 -18.97 -0.57 3.25
N PRO B 114 -17.61 -0.43 3.16
CA PRO B 114 -17.01 -0.01 1.89
C PRO B 114 -16.84 -1.13 0.86
N TRP B 115 -17.27 -0.86 -0.39
CA TRP B 115 -17.16 -1.80 -1.50
C TRP B 115 -15.93 -1.53 -2.35
N TYR B 116 -15.40 -2.56 -3.03
CA TYR B 116 -14.24 -2.47 -3.91
C TYR B 116 -14.50 -3.20 -5.22
N GLU B 117 -14.42 -2.48 -6.36
CA GLU B 117 -14.64 -3.06 -7.67
C GLU B 117 -13.56 -2.73 -8.71
N PRO B 118 -12.78 -3.74 -9.10
CA PRO B 118 -11.81 -3.52 -10.17
C PRO B 118 -12.40 -3.80 -11.56
N ILE B 119 -11.94 -3.08 -12.57
CA ILE B 119 -12.32 -3.36 -13.97
C ILE B 119 -11.02 -3.49 -14.83
N TYR B 120 -10.88 -4.59 -15.62
CA TYR B 120 -9.66 -4.81 -16.41
C TYR B 120 -9.98 -5.18 -17.83
N LEU B 121 -9.39 -4.46 -18.75
CA LEU B 121 -9.63 -4.58 -20.20
C LEU B 121 -8.34 -4.84 -20.98
N GLY B 122 -8.41 -5.72 -21.98
CA GLY B 122 -7.25 -5.99 -22.82
C GLY B 122 -7.49 -6.88 -24.01
N GLY B 123 -6.88 -6.54 -25.13
CA GLY B 123 -6.96 -7.24 -26.40
C GLY B 123 -5.86 -6.88 -27.38
N VAL B 124 -5.85 -7.57 -28.53
CA VAL B 124 -4.89 -7.33 -29.62
C VAL B 124 -5.60 -6.61 -30.75
N PHE B 125 -5.02 -5.51 -31.23
CA PHE B 125 -5.66 -4.70 -32.27
C PHE B 125 -4.66 -4.23 -33.32
N GLN B 126 -5.10 -4.13 -34.58
CA GLN B 126 -4.30 -3.59 -35.68
C GLN B 126 -4.53 -2.10 -35.64
N LEU B 127 -3.45 -1.34 -35.46
CA LEU B 127 -3.51 0.10 -35.38
C LEU B 127 -2.57 0.69 -36.40
N GLU B 128 -2.97 1.85 -36.95
CA GLU B 128 -2.23 2.60 -37.98
C GLU B 128 -1.55 3.80 -37.33
N LYS B 129 -0.39 4.24 -37.87
CA LYS B 129 0.41 5.38 -37.38
C LYS B 129 -0.45 6.61 -37.22
N GLY B 130 -0.40 7.21 -36.02
CA GLY B 130 -1.16 8.42 -35.72
C GLY B 130 -2.47 8.25 -34.98
N ASP B 131 -2.90 6.99 -34.77
CA ASP B 131 -4.13 6.70 -34.03
C ASP B 131 -3.97 7.13 -32.56
N ARG B 132 -5.00 7.74 -32.02
CA ARG B 132 -4.99 8.16 -30.63
C ARG B 132 -5.92 7.24 -29.83
N LEU B 133 -5.38 6.68 -28.75
CA LEU B 133 -6.12 5.78 -27.87
C LEU B 133 -6.39 6.44 -26.51
N SER B 134 -7.60 6.27 -25.96
CA SER B 134 -7.93 6.84 -24.65
C SER B 134 -8.53 5.82 -23.67
N ALA B 135 -8.04 5.78 -22.42
CA ALA B 135 -8.58 4.88 -21.39
C ALA B 135 -9.38 5.74 -20.44
N GLU B 136 -10.70 5.62 -20.48
CA GLU B 136 -11.56 6.51 -19.71
C GLU B 136 -12.53 5.85 -18.77
N ILE B 137 -12.91 6.61 -17.71
CA ILE B 137 -13.91 6.16 -16.73
C ILE B 137 -15.01 7.20 -16.59
N ASN B 138 -16.20 6.80 -16.11
CA ASN B 138 -17.30 7.74 -15.93
C ASN B 138 -17.29 8.39 -14.52
N ARG B 139 -16.77 7.67 -13.51
CA ARG B 139 -16.84 8.16 -12.14
C ARG B 139 -15.47 8.32 -11.48
N PRO B 140 -14.74 9.43 -11.75
CA PRO B 140 -13.42 9.62 -11.11
C PRO B 140 -13.48 9.86 -9.61
N ASP B 141 -14.68 10.21 -9.11
CA ASP B 141 -14.91 10.42 -7.68
C ASP B 141 -14.83 9.08 -6.93
N TYR B 142 -15.13 7.96 -7.63
CA TYR B 142 -15.05 6.62 -7.06
C TYR B 142 -13.74 5.91 -7.29
N LEU B 143 -12.82 6.54 -8.05
CA LEU B 143 -11.51 5.96 -8.31
C LEU B 143 -10.77 5.81 -7.01
N ASP B 144 -10.01 4.72 -6.86
CA ASP B 144 -9.26 4.46 -5.64
C ASP B 144 -7.80 4.62 -5.93
N PHE B 145 -7.25 5.74 -5.44
CA PHE B 145 -5.87 6.14 -5.62
C PHE B 145 -4.99 5.48 -4.54
N ALA B 146 -5.66 4.84 -3.55
CA ALA B 146 -5.05 4.13 -2.42
C ALA B 146 -4.11 3.06 -2.94
N GLU B 147 -4.60 2.23 -3.88
CA GLU B 147 -3.77 1.19 -4.43
C GLU B 147 -3.33 1.50 -5.87
N SER B 148 -3.45 2.80 -6.30
CA SER B 148 -3.02 3.26 -7.64
C SER B 148 -1.56 2.79 -8.00
N GLY B 149 -1.15 3.02 -9.25
CA GLY B 149 0.10 2.46 -9.75
C GLY B 149 -0.23 1.01 -10.04
N GLN B 150 -1.56 0.69 -9.92
CA GLN B 150 -2.39 -0.50 -10.21
C GLN B 150 -3.67 -0.09 -10.91
N VAL B 151 -3.67 1.17 -11.38
CA VAL B 151 -4.64 1.87 -12.20
C VAL B 151 -3.69 2.27 -13.32
N TYR B 152 -3.70 1.50 -14.39
CA TYR B 152 -2.73 1.65 -15.47
C TYR B 152 -3.39 1.48 -16.82
N PHE B 153 -2.64 1.84 -17.87
CA PHE B 153 -3.07 1.76 -19.24
C PHE B 153 -1.81 1.62 -20.06
N GLY B 154 -1.78 0.66 -20.96
CA GLY B 154 -0.58 0.46 -21.75
C GLY B 154 -0.80 -0.20 -23.09
N ILE B 155 0.21 -0.09 -23.96
CA ILE B 155 0.23 -0.65 -25.29
C ILE B 155 1.60 -1.29 -25.56
N ILE B 156 1.60 -2.48 -26.18
CA ILE B 156 2.80 -3.20 -26.52
C ILE B 156 2.70 -3.65 -27.95
N ALA B 157 3.60 -3.14 -28.81
CA ALA B 157 3.68 -3.52 -30.22
C ALA B 157 4.19 -4.96 -30.34
N LEU B 158 3.59 -5.77 -31.21
CA LEU B 158 4.03 -7.16 -31.38
C LEU B 158 4.98 -7.31 -32.58
N THR C 8 7.95 -4.36 -42.14
CA THR C 8 8.03 -5.58 -41.32
C THR C 8 6.76 -5.79 -40.46
N PRO C 9 5.75 -6.51 -40.96
CA PRO C 9 4.59 -6.78 -40.11
C PRO C 9 4.90 -7.98 -39.18
N SER C 10 4.39 -7.94 -37.94
CA SER C 10 4.57 -9.06 -37.03
C SER C 10 3.88 -10.27 -37.66
N ASP C 11 4.60 -11.39 -37.68
CA ASP C 11 4.16 -12.66 -38.24
C ASP C 11 3.49 -13.50 -37.16
N LYS C 12 3.25 -12.90 -35.95
CA LYS C 12 2.64 -13.55 -34.78
C LYS C 12 1.16 -13.92 -34.97
N PRO C 13 0.75 -15.21 -34.85
CA PRO C 13 -0.69 -15.55 -34.94
C PRO C 13 -1.53 -14.84 -33.86
N VAL C 14 -2.46 -13.98 -34.30
CA VAL C 14 -3.31 -13.21 -33.40
C VAL C 14 -4.74 -13.21 -33.87
N ALA C 15 -5.67 -13.08 -32.92
CA ALA C 15 -7.09 -12.99 -33.18
C ALA C 15 -7.78 -12.22 -32.10
N HIS C 16 -8.75 -11.43 -32.52
CA HIS C 16 -9.64 -10.68 -31.68
C HIS C 16 -10.99 -10.70 -32.34
N VAL C 17 -11.82 -11.67 -32.03
CA VAL C 17 -13.18 -11.77 -32.55
C VAL C 17 -14.16 -11.15 -31.54
N VAL C 18 -15.30 -10.68 -32.04
CA VAL C 18 -16.32 -10.03 -31.23
C VAL C 18 -17.70 -10.69 -31.38
N ALA C 19 -18.63 -10.42 -30.45
CA ALA C 19 -19.98 -11.01 -30.48
C ALA C 19 -20.90 -10.35 -31.48
N ASN C 20 -21.71 -11.19 -32.15
CA ASN C 20 -22.73 -10.80 -33.10
C ASN C 20 -23.98 -10.38 -32.28
N PRO C 21 -24.40 -9.09 -32.37
CA PRO C 21 -25.55 -8.64 -31.56
C PRO C 21 -26.92 -9.17 -32.04
N GLN C 22 -26.88 -9.97 -33.13
CA GLN C 22 -28.05 -10.56 -33.73
C GLN C 22 -27.96 -12.09 -33.54
N ALA C 23 -27.99 -12.54 -32.26
CA ALA C 23 -27.89 -13.97 -31.93
C ALA C 23 -28.74 -14.41 -30.71
N GLU C 24 -29.97 -14.88 -31.00
CA GLU C 24 -30.93 -15.34 -30.01
C GLU C 24 -30.40 -16.62 -29.35
N GLY C 25 -30.26 -16.54 -28.01
CA GLY C 25 -29.79 -17.60 -27.13
C GLY C 25 -28.49 -18.22 -27.56
N GLN C 26 -27.52 -17.39 -28.02
CA GLN C 26 -26.17 -17.81 -28.45
C GLN C 26 -25.20 -16.64 -28.57
N LEU C 27 -23.94 -17.00 -28.42
CA LEU C 27 -22.81 -16.11 -28.47
C LEU C 27 -22.05 -16.50 -29.74
N GLN C 28 -22.26 -15.71 -30.79
CA GLN C 28 -21.70 -15.97 -32.10
C GLN C 28 -20.52 -15.04 -32.37
N TRP C 29 -19.32 -15.62 -32.47
CA TRP C 29 -18.08 -14.87 -32.72
C TRP C 29 -17.96 -14.39 -34.16
N LEU C 30 -17.70 -13.10 -34.29
CA LEU C 30 -17.60 -12.35 -35.53
C LEU C 30 -16.21 -11.79 -35.74
N ASN C 31 -15.62 -12.05 -36.90
CA ASN C 31 -14.27 -11.56 -37.21
C ASN C 31 -14.29 -10.49 -38.27
N ARG C 32 -15.37 -10.49 -39.07
CA ARG C 32 -15.64 -9.63 -40.22
C ARG C 32 -16.39 -8.37 -39.70
N ARG C 33 -15.74 -7.64 -38.79
CA ARG C 33 -16.28 -6.41 -38.19
C ARG C 33 -15.15 -5.43 -38.02
N ALA C 34 -15.51 -4.17 -37.75
CA ALA C 34 -14.51 -3.15 -37.56
C ALA C 34 -13.93 -3.25 -36.19
N ASN C 35 -12.61 -3.51 -36.18
CA ASN C 35 -11.70 -3.67 -35.07
C ASN C 35 -11.71 -5.07 -34.50
N ALA C 36 -12.15 -6.03 -35.34
CA ALA C 36 -12.10 -7.46 -35.05
C ALA C 36 -10.97 -7.95 -35.95
N LEU C 37 -10.33 -9.09 -35.60
CA LEU C 37 -9.16 -9.58 -36.29
C LEU C 37 -8.91 -11.06 -36.30
N LEU C 38 -8.48 -11.53 -37.45
CA LEU C 38 -7.93 -12.87 -37.63
C LEU C 38 -6.69 -12.58 -38.43
N ALA C 39 -5.54 -13.08 -37.97
CA ALA C 39 -4.27 -12.82 -38.63
C ALA C 39 -3.25 -13.92 -38.42
N ASN C 40 -2.28 -13.98 -39.37
CA ASN C 40 -1.14 -14.88 -39.40
C ASN C 40 -1.51 -16.35 -39.15
N GLY C 41 -2.59 -16.81 -39.76
CA GLY C 41 -2.99 -18.20 -39.69
C GLY C 41 -4.15 -18.58 -38.79
N VAL C 42 -4.57 -17.68 -37.89
CA VAL C 42 -5.70 -17.99 -37.00
C VAL C 42 -6.99 -18.07 -37.83
N GLU C 43 -7.84 -19.08 -37.53
CA GLU C 43 -9.08 -19.31 -38.24
C GLU C 43 -10.24 -19.37 -37.29
N LEU C 44 -11.39 -18.84 -37.72
CA LEU C 44 -12.62 -18.95 -36.96
C LEU C 44 -13.51 -19.96 -37.69
N ARG C 45 -13.62 -21.18 -37.15
CA ARG C 45 -14.35 -22.29 -37.76
C ARG C 45 -15.24 -22.98 -36.73
N ASP C 46 -16.56 -22.99 -37.00
CA ASP C 46 -17.62 -23.57 -36.15
C ASP C 46 -17.59 -22.89 -34.78
N ASN C 47 -17.57 -21.52 -34.79
CA ASN C 47 -17.54 -20.62 -33.62
C ASN C 47 -16.31 -20.84 -32.71
N GLN C 48 -15.23 -21.39 -33.27
CA GLN C 48 -14.02 -21.70 -32.54
C GLN C 48 -12.76 -21.15 -33.16
N LEU C 49 -11.80 -20.79 -32.32
CA LEU C 49 -10.54 -20.29 -32.81
C LEU C 49 -9.61 -21.46 -33.02
N VAL C 50 -9.01 -21.54 -34.21
CA VAL C 50 -8.10 -22.62 -34.60
C VAL C 50 -6.66 -22.13 -34.56
N VAL C 51 -5.85 -22.73 -33.67
CA VAL C 51 -4.44 -22.36 -33.50
C VAL C 51 -3.63 -22.84 -34.71
N PRO C 52 -2.91 -21.94 -35.41
CA PRO C 52 -2.16 -22.36 -36.60
C PRO C 52 -0.79 -22.96 -36.34
N SER C 53 -0.23 -22.84 -35.11
CA SER C 53 1.08 -23.37 -34.76
C SER C 53 1.32 -23.57 -33.27
N GLU C 54 2.14 -24.56 -32.90
CA GLU C 54 2.54 -24.81 -31.51
C GLU C 54 3.19 -23.55 -30.92
N GLY C 55 2.96 -23.30 -29.63
CA GLY C 55 3.54 -22.17 -28.93
C GLY C 55 2.79 -21.71 -27.71
N LEU C 56 3.33 -20.68 -27.02
CA LEU C 56 2.70 -20.06 -25.88
C LEU C 56 1.79 -18.98 -26.41
N TYR C 57 0.57 -18.91 -25.88
CA TYR C 57 -0.42 -17.94 -26.30
C TYR C 57 -1.09 -17.26 -25.12
N LEU C 58 -1.44 -16.01 -25.30
CA LEU C 58 -2.26 -15.33 -24.32
C LEU C 58 -3.67 -15.64 -24.82
N ILE C 59 -4.52 -16.11 -23.93
CA ILE C 59 -5.91 -16.36 -24.25
C ILE C 59 -6.72 -15.44 -23.34
N TYR C 60 -7.65 -14.72 -23.95
CA TYR C 60 -8.49 -13.80 -23.24
C TYR C 60 -9.90 -13.79 -23.77
N SER C 61 -10.81 -13.34 -22.92
CA SER C 61 -12.20 -13.15 -23.28
C SER C 61 -12.91 -12.32 -22.26
N GLN C 62 -13.83 -11.52 -22.73
CA GLN C 62 -14.68 -10.75 -21.87
C GLN C 62 -16.11 -10.88 -22.36
N VAL C 63 -17.03 -11.01 -21.43
CA VAL C 63 -18.46 -11.04 -21.69
C VAL C 63 -19.10 -10.03 -20.75
N LEU C 64 -20.12 -9.32 -21.21
CA LEU C 64 -20.85 -8.42 -20.32
C LEU C 64 -22.29 -8.88 -20.15
N PHE C 65 -22.71 -9.10 -18.89
CA PHE C 65 -24.08 -9.50 -18.59
C PHE C 65 -24.83 -8.33 -18.00
N LYS C 66 -26.10 -8.23 -18.38
CA LYS C 66 -27.03 -7.17 -17.94
C LYS C 66 -28.39 -7.83 -17.69
N GLY C 67 -29.05 -7.38 -16.64
CA GLY C 67 -30.35 -7.89 -16.27
C GLY C 67 -31.17 -6.83 -15.61
N GLN C 68 -32.43 -6.69 -16.05
CA GLN C 68 -33.34 -5.70 -15.52
C GLN C 68 -33.88 -6.21 -14.22
N GLY C 69 -33.45 -5.58 -13.12
CA GLY C 69 -33.83 -5.96 -11.77
C GLY C 69 -33.46 -7.39 -11.43
N CYS C 70 -33.70 -7.80 -10.18
CA CYS C 70 -33.33 -9.15 -9.80
C CYS C 70 -34.54 -10.11 -9.86
N PRO C 71 -34.57 -10.90 -10.96
CA PRO C 71 -35.74 -11.72 -11.26
C PRO C 71 -35.48 -13.24 -11.31
N SER C 72 -35.17 -13.93 -10.20
CA SER C 72 -34.98 -13.51 -8.82
C SER C 72 -34.16 -14.62 -8.21
N THR C 73 -34.37 -15.84 -8.73
CA THR C 73 -33.79 -17.13 -8.33
C THR C 73 -32.23 -17.18 -8.46
N HIS C 74 -31.70 -18.40 -8.58
CA HIS C 74 -30.28 -18.69 -8.69
C HIS C 74 -29.84 -18.32 -10.10
N VAL C 75 -29.61 -17.01 -10.29
CA VAL C 75 -29.13 -16.43 -11.54
C VAL C 75 -27.63 -16.73 -11.48
N LEU C 76 -27.21 -17.75 -12.21
CA LEU C 76 -25.82 -18.18 -12.25
C LEU C 76 -25.26 -17.80 -13.57
N LEU C 77 -24.18 -17.02 -13.52
CA LEU C 77 -23.55 -16.58 -14.75
C LEU C 77 -22.22 -17.21 -14.91
N THR C 78 -22.04 -17.99 -15.94
CA THR C 78 -20.76 -18.63 -16.18
C THR C 78 -20.16 -18.19 -17.50
N HIS C 79 -18.83 -18.07 -17.53
CA HIS C 79 -18.05 -17.79 -18.73
C HIS C 79 -16.89 -18.75 -18.70
N THR C 80 -16.67 -19.46 -19.82
CA THR C 80 -15.62 -20.48 -19.88
C THR C 80 -14.89 -20.51 -21.19
N ILE C 81 -13.56 -20.51 -21.13
CA ILE C 81 -12.69 -20.71 -22.28
C ILE C 81 -12.22 -22.16 -22.25
N SER C 82 -12.63 -22.95 -23.28
CA SER C 82 -12.29 -24.38 -23.42
C SER C 82 -11.32 -24.60 -24.56
N ARG C 83 -10.56 -25.68 -24.42
CA ARG C 83 -9.55 -26.15 -25.37
C ARG C 83 -9.90 -27.56 -25.87
N ILE C 84 -9.86 -27.76 -27.20
CA ILE C 84 -10.07 -29.07 -27.80
C ILE C 84 -8.82 -29.40 -28.61
N ALA C 85 -8.04 -30.41 -28.17
CA ALA C 85 -6.84 -30.82 -28.90
C ALA C 85 -7.23 -31.41 -30.28
N VAL C 86 -6.23 -31.50 -31.19
CA VAL C 86 -6.35 -32.01 -32.56
C VAL C 86 -7.01 -33.41 -32.68
N SER C 87 -6.90 -34.26 -31.62
CA SER C 87 -7.51 -35.59 -31.55
C SER C 87 -9.01 -35.42 -31.24
N TYR C 88 -9.30 -34.97 -30.01
CA TYR C 88 -10.56 -34.67 -29.35
C TYR C 88 -11.78 -34.39 -30.28
N LYS C 91 -13.80 -31.18 -24.95
CA LYS C 91 -13.42 -29.93 -24.30
C LYS C 91 -12.63 -30.15 -23.00
N VAL C 92 -11.78 -29.17 -22.63
CA VAL C 92 -11.02 -29.16 -21.39
C VAL C 92 -10.89 -27.66 -20.96
N ASN C 93 -11.54 -27.29 -19.83
CA ASN C 93 -11.61 -25.89 -19.39
C ASN C 93 -10.26 -25.29 -19.03
N LEU C 94 -9.92 -24.18 -19.68
CA LEU C 94 -8.68 -23.44 -19.43
C LEU C 94 -8.92 -22.38 -18.38
N LEU C 95 -9.94 -21.53 -18.60
CA LEU C 95 -10.31 -20.42 -17.73
C LEU C 95 -11.80 -20.42 -17.59
N SER C 96 -12.28 -20.19 -16.39
CA SER C 96 -13.69 -20.16 -16.09
C SER C 96 -13.99 -19.28 -14.88
N ALA C 97 -15.16 -18.67 -14.91
CA ALA C 97 -15.64 -17.85 -13.81
C ALA C 97 -17.13 -18.03 -13.65
N ILE C 98 -17.62 -17.93 -12.39
CA ILE C 98 -19.02 -18.04 -11.98
C ILE C 98 -19.34 -16.81 -11.18
N LYS C 99 -20.51 -16.23 -11.41
CA LYS C 99 -21.01 -15.06 -10.74
C LYS C 99 -22.55 -15.16 -10.50
N SER C 100 -23.02 -14.81 -9.28
CA SER C 100 -24.44 -14.71 -8.92
C SER C 100 -24.72 -13.21 -8.79
N PRO C 101 -25.34 -12.55 -9.80
CA PRO C 101 -25.56 -11.10 -9.70
C PRO C 101 -26.66 -10.69 -8.73
N CYS C 102 -27.49 -11.68 -8.30
CA CYS C 102 -28.61 -11.46 -7.41
C CYS C 102 -28.45 -12.10 -6.04
N GLN C 103 -28.57 -11.23 -5.04
CA GLN C 103 -28.51 -11.49 -3.60
C GLN C 103 -29.88 -11.09 -2.97
N ARG C 104 -30.69 -10.34 -3.74
CA ARG C 104 -32.04 -9.85 -3.40
C ARG C 104 -33.05 -10.04 -4.58
N GLU C 105 -34.19 -9.31 -4.59
CA GLU C 105 -35.16 -9.42 -5.68
C GLU C 105 -35.82 -8.09 -6.04
N LYS C 113 -34.16 -1.27 -11.30
CA LYS C 113 -32.71 -1.13 -11.12
C LYS C 113 -31.92 -2.23 -11.86
N PRO C 114 -31.46 -1.92 -13.10
CA PRO C 114 -30.71 -2.91 -13.89
C PRO C 114 -29.31 -3.17 -13.35
N TRP C 115 -28.93 -4.45 -13.21
CA TRP C 115 -27.60 -4.86 -12.75
C TRP C 115 -26.67 -5.13 -13.91
N TYR C 116 -25.34 -4.99 -13.66
CA TYR C 116 -24.28 -5.21 -14.64
C TYR C 116 -23.17 -6.07 -14.07
N GLU C 117 -22.88 -7.19 -14.74
CA GLU C 117 -21.78 -8.04 -14.35
C GLU C 117 -20.86 -8.37 -15.53
N PRO C 118 -19.63 -7.80 -15.56
CA PRO C 118 -18.67 -8.19 -16.60
C PRO C 118 -17.85 -9.39 -16.14
N ILE C 119 -17.51 -10.28 -17.06
CA ILE C 119 -16.61 -11.37 -16.72
C ILE C 119 -15.42 -11.31 -17.71
N TYR C 120 -14.18 -11.01 -17.19
CA TYR C 120 -12.91 -10.99 -17.94
C TYR C 120 -12.04 -12.17 -17.53
N LEU C 121 -11.69 -13.05 -18.49
CA LEU C 121 -10.83 -14.23 -18.28
C LEU C 121 -9.58 -14.04 -19.14
N GLY C 122 -8.41 -14.36 -18.57
CA GLY C 122 -7.15 -14.31 -19.32
C GLY C 122 -6.02 -15.07 -18.67
N GLY C 123 -5.15 -15.65 -19.50
CA GLY C 123 -3.98 -16.41 -19.07
C GLY C 123 -3.04 -16.77 -20.21
N VAL C 124 -1.88 -17.37 -19.87
CA VAL C 124 -0.87 -17.82 -20.83
C VAL C 124 -0.90 -19.35 -20.90
N PHE C 125 -0.97 -19.90 -22.11
CA PHE C 125 -1.11 -21.34 -22.29
C PHE C 125 -0.27 -21.88 -23.44
N GLN C 126 0.20 -23.14 -23.32
CA GLN C 126 0.93 -23.84 -24.37
C GLN C 126 -0.14 -24.53 -25.22
N LEU C 127 -0.18 -24.21 -26.51
CA LEU C 127 -1.15 -24.78 -27.43
C LEU C 127 -0.42 -25.40 -28.63
N GLU C 128 -0.98 -26.47 -29.17
CA GLU C 128 -0.44 -27.23 -30.31
C GLU C 128 -1.26 -26.92 -31.56
N LYS C 129 -0.63 -26.95 -32.76
CA LYS C 129 -1.27 -26.71 -34.05
C LYS C 129 -2.55 -27.54 -34.20
N GLY C 130 -3.66 -26.88 -34.53
CA GLY C 130 -4.94 -27.52 -34.77
C GLY C 130 -5.92 -27.52 -33.62
N ASP C 131 -5.49 -27.01 -32.44
CA ASP C 131 -6.35 -26.91 -31.26
C ASP C 131 -7.49 -25.96 -31.52
N ARG C 132 -8.69 -26.37 -31.12
CA ARG C 132 -9.86 -25.50 -31.26
C ARG C 132 -10.22 -24.91 -29.88
N LEU C 133 -10.42 -23.58 -29.87
CA LEU C 133 -10.74 -22.78 -28.68
C LEU C 133 -12.13 -22.21 -28.76
N SER C 134 -12.91 -22.47 -27.73
CA SER C 134 -14.24 -21.86 -27.62
C SER C 134 -14.36 -21.04 -26.34
N ALA C 135 -15.07 -19.91 -26.44
CA ALA C 135 -15.42 -19.00 -25.36
C ALA C 135 -16.94 -19.12 -25.23
N GLU C 136 -17.41 -19.72 -24.15
CA GLU C 136 -18.84 -20.02 -24.00
C GLU C 136 -19.46 -19.49 -22.70
N ILE C 137 -20.77 -19.25 -22.73
CA ILE C 137 -21.54 -18.77 -21.57
C ILE C 137 -22.76 -19.63 -21.35
N ASN C 138 -23.33 -19.60 -20.13
CA ASN C 138 -24.53 -20.39 -19.85
C ASN C 138 -25.84 -19.61 -20.13
N ARG C 139 -25.81 -18.28 -20.01
CA ARG C 139 -27.03 -17.50 -20.17
C ARG C 139 -26.93 -16.43 -21.27
N PRO C 140 -27.13 -16.81 -22.55
CA PRO C 140 -27.03 -15.79 -23.63
C PRO C 140 -28.12 -14.76 -23.62
N ASP C 141 -29.22 -15.05 -22.88
CA ASP C 141 -30.35 -14.14 -22.72
C ASP C 141 -29.95 -12.92 -21.90
N TYR C 142 -28.92 -13.08 -21.02
CA TYR C 142 -28.40 -12.02 -20.17
C TYR C 142 -27.22 -11.24 -20.79
N LEU C 143 -26.78 -11.59 -22.00
CA LEU C 143 -25.70 -10.86 -22.68
C LEU C 143 -26.08 -9.44 -22.98
N ASP C 144 -25.08 -8.55 -23.19
CA ASP C 144 -25.29 -7.15 -23.55
C ASP C 144 -24.32 -6.68 -24.68
N PHE C 145 -24.92 -6.23 -25.82
CA PHE C 145 -24.19 -5.66 -26.95
C PHE C 145 -24.72 -4.28 -27.34
N ALA C 146 -25.40 -3.57 -26.40
CA ALA C 146 -25.85 -2.19 -26.59
C ALA C 146 -24.74 -1.39 -27.29
N GLU C 147 -23.55 -1.32 -26.66
CA GLU C 147 -22.37 -0.68 -27.19
C GLU C 147 -21.29 -1.71 -27.58
N SER C 148 -20.40 -1.31 -28.49
CA SER C 148 -19.28 -2.14 -28.94
C SER C 148 -18.09 -2.11 -27.95
N GLY C 149 -17.39 -3.25 -27.87
CA GLY C 149 -16.21 -3.47 -27.05
C GLY C 149 -16.50 -4.24 -25.78
N GLN C 150 -17.76 -4.66 -25.60
CA GLN C 150 -18.27 -5.32 -24.42
C GLN C 150 -18.22 -6.83 -24.41
N VAL C 151 -18.05 -7.48 -25.59
CA VAL C 151 -18.02 -8.97 -25.67
C VAL C 151 -16.98 -9.39 -26.71
N TYR C 152 -15.85 -10.03 -26.28
CA TYR C 152 -14.76 -10.41 -27.19
C TYR C 152 -14.02 -11.64 -26.74
N PHE C 153 -13.22 -12.19 -27.65
CA PHE C 153 -12.43 -13.40 -27.47
C PHE C 153 -11.20 -13.24 -28.34
N GLY C 154 -10.05 -13.56 -27.80
CA GLY C 154 -8.82 -13.41 -28.57
C GLY C 154 -7.70 -14.31 -28.11
N ILE C 155 -6.67 -14.37 -28.93
CA ILE C 155 -5.43 -15.11 -28.67
C ILE C 155 -4.26 -14.31 -29.24
N ILE C 156 -3.14 -14.24 -28.50
CA ILE C 156 -1.93 -13.55 -28.92
C ILE C 156 -0.74 -14.48 -28.69
N ALA C 157 -0.07 -14.87 -29.78
CA ALA C 157 1.09 -15.75 -29.69
C ALA C 157 2.27 -15.00 -29.08
N LEU C 158 3.12 -15.71 -28.34
CA LEU C 158 4.30 -15.04 -27.78
C LEU C 158 5.59 -15.38 -28.59
N THR D 8 27.80 -2.85 2.66
CA THR D 8 27.49 -3.78 3.74
C THR D 8 25.97 -3.82 4.01
N PRO D 9 25.27 -4.96 3.79
CA PRO D 9 23.80 -5.00 4.02
C PRO D 9 23.38 -5.27 5.47
N SER D 10 22.30 -4.61 5.95
CA SER D 10 21.87 -4.83 7.34
C SER D 10 21.13 -6.16 7.57
N ASP D 11 21.10 -6.57 8.82
CA ASP D 11 20.47 -7.77 9.34
C ASP D 11 19.46 -7.36 10.42
N LYS D 12 19.45 -6.05 10.76
CA LYS D 12 18.63 -5.47 11.82
C LYS D 12 17.16 -5.74 11.61
N PRO D 13 16.51 -6.54 12.49
CA PRO D 13 15.07 -6.78 12.35
C PRO D 13 14.21 -5.50 12.51
N VAL D 14 13.55 -5.11 11.41
CA VAL D 14 12.71 -3.90 11.38
C VAL D 14 11.38 -4.15 10.70
N ALA D 15 10.38 -3.40 11.12
CA ALA D 15 9.05 -3.43 10.57
C ALA D 15 8.39 -2.05 10.74
N HIS D 16 7.68 -1.66 9.69
CA HIS D 16 6.86 -0.49 9.66
C HIS D 16 5.61 -0.94 8.91
N VAL D 17 4.59 -1.34 9.64
CA VAL D 17 3.32 -1.75 9.04
C VAL D 17 2.33 -0.58 9.13
N VAL D 18 1.33 -0.56 8.26
CA VAL D 18 0.33 0.52 8.20
C VAL D 18 -1.08 -0.07 8.25
N ALA D 19 -2.07 0.68 8.75
CA ALA D 19 -3.45 0.19 8.83
C ALA D 19 -3.95 0.01 7.42
N ASN D 20 -4.77 -1.03 7.22
CA ASN D 20 -5.28 -1.43 5.93
C ASN D 20 -6.64 -0.80 5.65
N PRO D 21 -6.69 0.01 4.55
CA PRO D 21 -7.93 0.74 4.21
C PRO D 21 -9.15 -0.13 3.97
N GLN D 22 -8.97 -1.31 3.34
CA GLN D 22 -10.06 -2.23 2.98
C GLN D 22 -10.80 -2.67 4.20
N ALA D 23 -10.07 -2.92 5.30
CA ALA D 23 -10.61 -3.41 6.55
C ALA D 23 -11.15 -2.31 7.48
N GLU D 24 -11.95 -1.36 6.93
CA GLU D 24 -12.59 -0.25 7.68
C GLU D 24 -13.38 -0.77 8.89
N GLY D 25 -13.45 0.07 9.93
CA GLY D 25 -14.12 -0.25 11.19
C GLY D 25 -13.36 -1.24 12.05
N GLN D 26 -12.09 -1.46 11.71
CA GLN D 26 -11.15 -2.37 12.36
C GLN D 26 -9.75 -1.82 12.10
N LEU D 27 -8.83 -2.05 13.03
CA LEU D 27 -7.44 -1.64 12.83
C LEU D 27 -6.65 -2.88 12.39
N GLN D 28 -6.54 -3.03 11.08
CA GLN D 28 -5.88 -4.19 10.47
C GLN D 28 -4.48 -3.81 9.95
N TRP D 29 -3.40 -4.28 10.61
CA TRP D 29 -2.04 -3.96 10.17
C TRP D 29 -1.67 -4.69 8.91
N LEU D 30 -1.01 -4.02 7.98
CA LEU D 30 -0.62 -4.62 6.71
C LEU D 30 0.66 -4.04 6.17
N ASN D 31 1.51 -4.91 5.68
CA ASN D 31 2.77 -4.55 5.06
C ASN D 31 2.60 -4.19 3.54
N ARG D 32 1.52 -3.41 3.17
CA ARG D 32 1.26 -3.02 1.78
C ARG D 32 2.41 -2.22 1.17
N ARG D 33 2.94 -2.67 -0.04
CA ARG D 33 4.13 -2.17 -0.78
C ARG D 33 4.50 -0.67 -0.53
N ALA D 34 3.55 0.23 -0.80
CA ALA D 34 3.71 1.68 -0.69
C ALA D 34 4.74 2.18 0.37
N ASN D 35 4.27 2.29 1.62
CA ASN D 35 4.98 2.83 2.79
C ASN D 35 5.15 1.78 3.90
N ALA D 36 4.91 0.50 3.61
CA ALA D 36 5.01 -0.53 4.62
C ALA D 36 5.88 -1.69 4.24
N LEU D 37 6.48 -2.34 5.26
CA LEU D 37 7.39 -3.49 5.09
C LEU D 37 7.59 -4.34 6.34
N LEU D 38 8.32 -5.44 6.15
CA LEU D 38 8.77 -6.47 7.09
C LEU D 38 10.09 -6.93 6.50
N ALA D 39 11.15 -6.89 7.31
CA ALA D 39 12.49 -7.31 6.88
C ALA D 39 13.20 -8.05 8.00
N ASN D 40 14.36 -8.64 7.66
CA ASN D 40 15.31 -9.31 8.52
C ASN D 40 14.67 -10.20 9.62
N GLY D 41 13.62 -10.94 9.26
CA GLY D 41 12.97 -11.89 10.14
C GLY D 41 11.69 -11.45 10.82
N VAL D 42 11.30 -10.17 10.76
CA VAL D 42 10.04 -9.77 11.41
C VAL D 42 8.86 -10.35 10.62
N GLU D 43 7.80 -10.80 11.30
CA GLU D 43 6.66 -11.39 10.58
C GLU D 43 5.40 -10.73 11.09
N LEU D 44 4.37 -10.66 10.25
CA LEU D 44 3.08 -10.12 10.67
C LEU D 44 2.13 -11.33 10.70
N ARG D 45 1.85 -11.82 11.93
CA ARG D 45 0.98 -12.97 12.16
C ARG D 45 -0.22 -12.61 13.04
N ASP D 46 -1.44 -12.90 12.53
CA ASP D 46 -2.73 -12.65 13.17
C ASP D 46 -2.80 -11.25 13.77
N ASN D 47 -2.55 -10.24 12.90
CA ASN D 47 -2.54 -8.79 13.21
C ASN D 47 -1.47 -8.38 14.23
N GLN D 48 -0.41 -9.22 14.37
CA GLN D 48 0.64 -9.00 15.36
C GLN D 48 2.05 -9.07 14.81
N LEU D 49 2.94 -8.28 15.37
CA LEU D 49 4.33 -8.33 14.96
C LEU D 49 5.07 -9.35 15.80
N VAL D 50 5.81 -10.22 15.11
CA VAL D 50 6.56 -11.32 15.71
C VAL D 50 8.07 -11.04 15.69
N VAL D 51 8.66 -10.93 16.87
CA VAL D 51 10.07 -10.64 17.05
C VAL D 51 10.94 -11.85 16.65
N PRO D 52 11.91 -11.66 15.75
CA PRO D 52 12.72 -12.80 15.31
C PRO D 52 13.93 -13.16 16.19
N SER D 53 14.30 -12.28 17.13
CA SER D 53 15.46 -12.50 18.00
C SER D 53 15.44 -11.64 19.28
N GLU D 54 16.02 -12.18 20.37
CA GLU D 54 16.18 -11.47 21.64
C GLU D 54 16.97 -10.15 21.40
N GLY D 55 16.58 -9.10 22.11
CA GLY D 55 17.24 -7.81 22.00
C GLY D 55 16.38 -6.63 22.43
N LEU D 56 16.98 -5.44 22.38
CA LEU D 56 16.31 -4.18 22.70
C LEU D 56 15.68 -3.68 21.42
N TYR D 57 14.40 -3.28 21.49
CA TYR D 57 13.63 -2.81 20.33
C TYR D 57 12.94 -1.51 20.62
N LEU D 58 12.86 -0.65 19.60
CA LEU D 58 12.04 0.53 19.68
C LEU D 58 10.68 0.05 19.21
N ILE D 59 9.64 0.31 19.99
CA ILE D 59 8.30 -0.04 19.59
C ILE D 59 7.57 1.27 19.51
N TYR D 60 6.92 1.53 18.37
CA TYR D 60 6.17 2.75 18.12
C TYR D 60 4.90 2.49 17.36
N SER D 61 3.99 3.46 17.42
CA SER D 61 2.71 3.41 16.74
C SER D 61 2.04 4.74 16.89
N GLN D 62 1.52 5.22 15.78
CA GLN D 62 0.73 6.42 15.76
C GLN D 62 -0.61 6.06 15.19
N VAL D 63 -1.66 6.61 15.80
CA VAL D 63 -3.02 6.45 15.34
C VAL D 63 -3.59 7.84 15.22
N LEU D 64 -4.37 8.08 14.17
CA LEU D 64 -4.98 9.38 14.02
C LEU D 64 -6.50 9.24 14.06
N PHE D 65 -7.11 10.00 14.95
CA PHE D 65 -8.55 10.02 15.12
C PHE D 65 -9.08 11.30 14.55
N LYS D 66 -10.25 11.22 13.93
CA LYS D 66 -10.97 12.33 13.32
C LYS D 66 -12.44 12.18 13.67
N GLY D 67 -13.10 13.29 13.93
CA GLY D 67 -14.50 13.31 14.25
C GLY D 67 -15.12 14.59 13.79
N GLN D 68 -16.21 14.48 13.00
CA GLN D 68 -17.00 15.58 12.45
C GLN D 68 -17.84 16.17 13.62
N GLY D 69 -17.38 17.31 14.15
CA GLY D 69 -17.99 18.02 15.27
C GLY D 69 -17.90 17.29 16.61
N CYS D 70 -18.28 17.96 17.70
CA CYS D 70 -18.22 17.32 19.00
C CYS D 70 -19.56 16.72 19.48
N PRO D 71 -19.56 15.38 19.72
CA PRO D 71 -20.79 14.69 20.17
C PRO D 71 -21.23 15.03 21.58
N SER D 72 -22.56 14.87 21.84
CA SER D 72 -23.25 15.10 23.10
C SER D 72 -22.54 14.38 24.25
N THR D 73 -22.16 13.12 24.00
CA THR D 73 -21.42 12.27 24.93
C THR D 73 -19.95 12.72 25.00
N HIS D 74 -19.37 12.73 26.21
CA HIS D 74 -17.96 13.09 26.42
C HIS D 74 -17.09 11.88 26.09
N VAL D 75 -16.86 11.70 24.78
CA VAL D 75 -16.14 10.61 24.11
C VAL D 75 -14.67 10.41 24.62
N LEU D 76 -14.22 9.14 24.61
CA LEU D 76 -12.92 8.69 25.09
C LEU D 76 -12.19 7.88 23.99
N LEU D 77 -10.88 8.17 23.79
CA LEU D 77 -10.04 7.53 22.79
C LEU D 77 -8.82 6.86 23.42
N THR D 78 -8.68 5.56 23.21
CA THR D 78 -7.56 4.80 23.77
C THR D 78 -6.73 4.17 22.66
N HIS D 79 -5.42 4.13 22.89
CA HIS D 79 -4.45 3.47 22.05
C HIS D 79 -3.55 2.67 22.97
N THR D 80 -3.31 1.38 22.65
CA THR D 80 -2.50 0.50 23.50
C THR D 80 -1.60 -0.46 22.71
N ILE D 81 -0.30 -0.54 23.10
CA ILE D 81 0.72 -1.48 22.60
C ILE D 81 0.81 -2.63 23.66
N SER D 82 0.37 -3.83 23.26
CA SER D 82 0.32 -5.02 24.13
C SER D 82 1.23 -6.14 23.65
N ARG D 83 1.98 -6.78 24.57
CA ARG D 83 2.88 -7.90 24.28
C ARG D 83 2.32 -9.21 24.81
N ILE D 84 2.65 -10.32 24.12
CA ILE D 84 2.31 -11.69 24.49
C ILE D 84 3.55 -12.53 24.25
N ALA D 85 4.12 -13.11 25.33
CA ALA D 85 5.31 -13.97 25.25
C ALA D 85 4.92 -15.42 24.91
N VAL D 86 5.93 -16.28 24.64
CA VAL D 86 5.73 -17.72 24.35
C VAL D 86 5.02 -18.35 25.57
N SER D 87 5.58 -18.07 26.79
CA SER D 87 5.08 -18.52 28.08
C SER D 87 4.11 -17.50 28.69
N VAL D 92 -0.08 -8.89 28.20
CA VAL D 92 0.72 -7.86 28.91
C VAL D 92 0.63 -6.52 28.20
N ASN D 93 0.58 -5.42 28.95
CA ASN D 93 0.54 -4.10 28.33
C ASN D 93 1.87 -3.37 28.47
N LEU D 94 2.45 -2.95 27.34
CA LEU D 94 3.73 -2.24 27.36
C LEU D 94 3.53 -0.73 27.45
N LEU D 95 2.65 -0.18 26.58
CA LEU D 95 2.33 1.25 26.46
C LEU D 95 0.83 1.46 26.36
N SER D 96 0.35 2.68 26.72
CA SER D 96 -1.08 3.05 26.64
C SER D 96 -1.32 4.53 26.88
N ALA D 97 -2.33 5.09 26.18
CA ALA D 97 -2.73 6.48 26.31
C ALA D 97 -4.23 6.58 26.16
N ILE D 98 -4.82 7.56 26.86
CA ILE D 98 -6.25 7.88 26.85
C ILE D 98 -6.39 9.38 26.56
N LYS D 99 -7.43 9.74 25.79
CA LYS D 99 -7.74 11.14 25.47
C LYS D 99 -9.25 11.36 25.35
N SER D 100 -9.67 12.62 25.52
CA SER D 100 -11.05 13.14 25.36
C SER D 100 -10.94 14.34 24.37
N PRO D 101 -11.33 14.15 23.09
CA PRO D 101 -11.18 15.24 22.11
C PRO D 101 -12.20 16.37 22.25
N CYS D 102 -13.25 16.13 23.05
CA CYS D 102 -14.32 17.09 23.26
C CYS D 102 -14.38 17.62 24.68
N GLN D 103 -14.36 18.95 24.79
CA GLN D 103 -14.44 19.68 26.05
C GLN D 103 -15.70 20.56 26.04
N ARG D 104 -16.70 20.14 25.20
CA ARG D 104 -18.04 20.73 24.96
C ARG D 104 -18.81 19.91 23.90
N GLU D 105 -19.75 20.56 23.17
CA GLU D 105 -20.56 19.98 22.10
C GLU D 105 -20.45 20.88 20.85
N PRO D 114 -14.67 19.97 12.34
CA PRO D 114 -14.06 18.64 12.54
C PRO D 114 -12.79 18.67 13.37
N TRP D 115 -12.70 17.78 14.38
CA TRP D 115 -11.53 17.67 15.26
C TRP D 115 -10.58 16.58 14.80
N TYR D 116 -9.29 16.75 15.14
CA TYR D 116 -8.23 15.81 14.81
C TYR D 116 -7.39 15.59 16.06
N GLU D 117 -7.34 14.32 16.53
CA GLU D 117 -6.59 13.98 17.74
C GLU D 117 -5.62 12.80 17.50
N PRO D 118 -4.32 13.08 17.26
CA PRO D 118 -3.38 11.98 17.06
C PRO D 118 -2.93 11.38 18.39
N ILE D 119 -2.58 10.10 18.41
CA ILE D 119 -2.02 9.49 19.60
C ILE D 119 -0.77 8.74 19.18
N TYR D 120 0.32 9.11 19.81
CA TYR D 120 1.55 8.41 19.61
C TYR D 120 1.82 7.59 20.89
N LEU D 121 2.55 6.49 20.72
CA LEU D 121 3.06 5.61 21.75
C LEU D 121 4.36 5.04 21.26
N GLY D 122 5.34 5.08 22.15
CA GLY D 122 6.67 4.57 21.89
C GLY D 122 7.48 4.33 23.14
N GLY D 123 8.41 3.42 22.99
CA GLY D 123 9.35 3.07 24.03
C GLY D 123 10.39 2.07 23.56
N VAL D 124 11.41 1.86 24.39
CA VAL D 124 12.46 0.88 24.16
C VAL D 124 12.20 -0.29 25.12
N PHE D 125 12.18 -1.51 24.57
CA PHE D 125 11.88 -2.70 25.36
C PHE D 125 12.79 -3.88 25.02
N GLN D 126 13.05 -4.72 26.05
CA GLN D 126 13.78 -5.98 25.90
C GLN D 126 12.73 -7.00 25.50
N LEU D 127 12.92 -7.60 24.32
CA LEU D 127 12.01 -8.60 23.79
C LEU D 127 12.79 -9.86 23.47
N GLU D 128 12.12 -11.00 23.64
CA GLU D 128 12.67 -12.34 23.41
C GLU D 128 12.11 -12.87 22.10
N LYS D 129 12.86 -13.73 21.39
CA LYS D 129 12.44 -14.37 20.13
C LYS D 129 11.06 -15.03 20.31
N GLY D 130 10.12 -14.67 19.44
CA GLY D 130 8.76 -15.20 19.47
C GLY D 130 7.66 -14.34 20.08
N ASP D 131 7.93 -13.12 20.57
CA ASP D 131 6.87 -12.29 21.20
C ASP D 131 5.88 -11.69 20.21
N ARG D 132 4.61 -11.71 20.60
CA ARG D 132 3.49 -11.23 19.78
C ARG D 132 3.04 -9.81 20.20
N LEU D 133 3.48 -8.78 19.44
CA LEU D 133 3.16 -7.37 19.74
C LEU D 133 1.93 -6.89 19.01
N SER D 134 1.02 -6.19 19.72
CA SER D 134 -0.23 -5.69 19.14
C SER D 134 -0.50 -4.24 19.47
N ALA D 135 -0.81 -3.44 18.45
CA ALA D 135 -1.18 -2.03 18.63
C ALA D 135 -2.70 -1.98 18.36
N GLU D 136 -3.48 -1.62 19.42
CA GLU D 136 -4.96 -1.63 19.41
C GLU D 136 -5.64 -0.32 19.86
N ILE D 137 -6.87 -0.08 19.38
CA ILE D 137 -7.67 1.12 19.73
C ILE D 137 -9.08 0.74 20.15
N ASN D 138 -9.78 1.63 20.86
CA ASN D 138 -11.15 1.36 21.30
C ASN D 138 -12.20 1.84 20.30
N ARG D 139 -11.91 2.90 19.53
CA ARG D 139 -12.90 3.46 18.61
C ARG D 139 -12.46 3.43 17.14
N PRO D 140 -12.57 2.28 16.42
CA PRO D 140 -12.15 2.25 15.01
C PRO D 140 -13.03 3.09 14.09
N ASP D 141 -14.24 3.47 14.57
CA ASP D 141 -15.17 4.30 13.83
C ASP D 141 -14.65 5.74 13.70
N TYR D 142 -13.86 6.18 14.70
CA TYR D 142 -13.29 7.52 14.75
C TYR D 142 -11.87 7.55 14.19
N LEU D 143 -11.51 6.55 13.38
CA LEU D 143 -10.19 6.44 12.76
C LEU D 143 -10.20 7.03 11.36
N ASP D 144 -9.09 7.68 10.99
CA ASP D 144 -8.91 8.34 9.70
C ASP D 144 -8.02 7.56 8.70
N PHE D 145 -8.53 7.47 7.44
CA PHE D 145 -7.90 6.81 6.29
C PHE D 145 -7.76 7.78 5.07
N ALA D 146 -7.82 9.12 5.32
CA ALA D 146 -7.77 10.21 4.32
C ALA D 146 -6.67 10.03 3.27
N GLU D 147 -5.42 9.90 3.75
CA GLU D 147 -4.23 9.65 2.95
C GLU D 147 -3.39 8.62 3.71
N SER D 148 -2.38 8.08 3.05
CA SER D 148 -1.51 7.09 3.65
C SER D 148 -0.50 7.76 4.60
N GLY D 149 0.07 6.96 5.49
CA GLY D 149 1.11 7.39 6.41
C GLY D 149 0.70 8.02 7.73
N GLN D 150 -0.59 8.01 8.05
CA GLN D 150 -1.13 8.63 9.26
C GLN D 150 -1.24 7.66 10.44
N VAL D 151 -1.53 6.36 10.17
CA VAL D 151 -1.74 5.25 11.13
C VAL D 151 -0.69 4.16 10.83
N TYR D 152 0.28 4.01 11.76
CA TYR D 152 1.36 3.04 11.61
C TYR D 152 1.76 2.41 12.91
N PHE D 153 2.42 1.25 12.81
CA PHE D 153 2.94 0.45 13.90
C PHE D 153 4.28 -0.12 13.41
N GLY D 154 5.28 -0.03 14.25
CA GLY D 154 6.62 -0.46 13.88
C GLY D 154 7.53 -0.82 15.02
N ILE D 155 8.60 -1.55 14.68
CA ILE D 155 9.62 -2.00 15.60
C ILE D 155 10.97 -1.89 14.94
N ILE D 156 11.96 -1.39 15.71
CA ILE D 156 13.31 -1.23 15.21
C ILE D 156 14.24 -1.82 16.25
N ALA D 157 14.99 -2.87 15.85
CA ALA D 157 15.94 -3.51 16.73
C ALA D 157 17.12 -2.60 17.00
N LEU D 158 17.61 -2.68 18.23
CA LEU D 158 18.79 -1.99 18.70
C LEU D 158 19.88 -3.08 18.75
N ASP E 11 30.51 -3.19 20.46
CA ASP E 11 31.55 -2.83 19.50
C ASP E 11 31.61 -1.29 19.22
N LYS E 12 30.42 -0.63 19.05
CA LYS E 12 30.27 0.82 18.81
C LYS E 12 29.80 1.53 20.11
N PRO E 13 30.29 2.77 20.42
CA PRO E 13 29.85 3.47 21.65
C PRO E 13 28.32 3.65 21.73
N VAL E 14 27.72 3.04 22.77
CA VAL E 14 26.27 2.95 22.97
C VAL E 14 25.82 3.26 24.42
N ALA E 15 24.64 3.93 24.55
CA ALA E 15 24.01 4.24 25.83
C ALA E 15 22.51 4.40 25.71
N HIS E 16 21.81 4.03 26.78
CA HIS E 16 20.38 4.21 26.93
C HIS E 16 20.21 4.38 28.42
N VAL E 17 20.06 5.64 28.87
CA VAL E 17 19.85 5.94 30.30
C VAL E 17 18.36 6.14 30.61
N VAL E 18 17.94 5.82 31.83
CA VAL E 18 16.53 5.87 32.28
C VAL E 18 16.35 6.83 33.50
N ALA E 19 15.16 7.50 33.60
CA ALA E 19 14.85 8.39 34.71
C ALA E 19 14.66 7.67 36.04
N ASN E 20 14.96 8.40 37.15
CA ASN E 20 14.84 7.96 38.54
C ASN E 20 13.47 8.35 39.19
N PRO E 21 12.59 7.37 39.55
CA PRO E 21 11.29 7.72 40.16
C PRO E 21 11.30 8.19 41.63
N GLN E 22 12.34 7.81 42.40
CA GLN E 22 12.47 8.22 43.79
C GLN E 22 12.96 9.69 43.83
N ALA E 23 13.78 10.11 42.83
CA ALA E 23 14.31 11.49 42.69
C ALA E 23 13.19 12.41 42.19
N GLU E 24 12.19 12.66 43.04
CA GLU E 24 11.04 13.47 42.67
C GLU E 24 11.39 14.94 42.61
N GLY E 25 10.97 15.58 41.54
CA GLY E 25 11.26 16.97 41.26
C GLY E 25 12.54 17.15 40.48
N GLN E 26 13.11 16.03 39.98
CA GLN E 26 14.36 16.01 39.20
C GLN E 26 14.36 14.97 38.09
N LEU E 27 14.99 15.31 36.96
CA LEU E 27 15.16 14.38 35.87
C LEU E 27 16.61 13.87 36.02
N GLN E 28 16.75 12.76 36.76
CA GLN E 28 18.03 12.16 37.07
C GLN E 28 18.22 10.90 36.25
N TRP E 29 19.20 10.92 35.35
CA TRP E 29 19.50 9.79 34.45
C TRP E 29 20.30 8.69 35.14
N LEU E 30 19.88 7.45 34.96
CA LEU E 30 20.58 6.33 35.57
C LEU E 30 21.01 5.32 34.54
N ASN E 31 22.23 4.77 34.71
CA ASN E 31 22.80 3.68 33.92
C ASN E 31 22.35 2.35 34.58
N ARG E 32 21.63 2.50 35.70
CA ARG E 32 21.09 1.50 36.59
C ARG E 32 19.87 0.73 36.01
N ARG E 33 18.67 1.36 36.06
CA ARG E 33 17.32 0.91 35.73
C ARG E 33 17.15 -0.06 34.54
N ALA E 34 15.94 -0.68 34.45
CA ALA E 34 15.51 -1.67 33.45
C ALA E 34 15.89 -1.34 32.00
N ASN E 35 16.71 -2.23 31.40
CA ASN E 35 17.23 -2.18 30.03
C ASN E 35 18.27 -1.04 29.80
N ALA E 36 18.57 -0.28 30.87
CA ALA E 36 19.54 0.81 30.81
C ALA E 36 20.95 0.28 30.83
N LEU E 37 21.79 0.87 29.96
CA LEU E 37 23.20 0.53 29.82
C LEU E 37 24.07 1.76 29.51
N LEU E 38 25.38 1.50 29.43
CA LEU E 38 26.51 2.32 29.04
C LEU E 38 27.51 1.30 28.52
N ALA E 39 28.07 1.53 27.31
CA ALA E 39 29.01 0.59 26.70
C ALA E 39 29.99 1.26 25.74
N ASN E 40 31.12 0.57 25.50
CA ASN E 40 32.20 0.93 24.59
C ASN E 40 32.70 2.39 24.75
N GLY E 41 32.87 2.82 26.01
CA GLY E 41 33.41 4.14 26.31
C GLY E 41 32.43 5.23 26.71
N VAL E 42 31.11 5.03 26.55
CA VAL E 42 30.14 6.06 26.94
C VAL E 42 30.10 6.15 28.46
N GLU E 43 30.13 7.38 29.01
CA GLU E 43 30.13 7.62 30.45
C GLU E 43 29.02 8.56 30.84
N LEU E 44 28.38 8.30 31.97
CA LEU E 44 27.34 9.18 32.49
C LEU E 44 27.95 9.90 33.72
N ARG E 45 28.35 11.17 33.51
CA ARG E 45 29.04 12.02 34.49
C ARG E 45 28.40 13.41 34.58
N ASP E 46 27.76 13.70 35.73
CA ASP E 46 27.09 14.97 36.08
C ASP E 46 25.75 15.12 35.36
N ASN E 47 25.02 13.99 35.24
CA ASN E 47 23.72 13.87 34.57
C ASN E 47 23.80 14.12 33.04
N GLN E 48 25.01 14.04 32.47
CA GLN E 48 25.26 14.23 31.05
C GLN E 48 25.87 12.97 30.45
N LEU E 49 25.54 12.69 29.20
CA LEU E 49 26.12 11.53 28.51
C LEU E 49 27.44 11.99 27.94
N VAL E 50 28.40 11.07 27.73
CA VAL E 50 29.70 11.52 27.24
C VAL E 50 30.18 10.77 26.02
N VAL E 51 30.36 11.55 24.90
CA VAL E 51 30.85 11.12 23.59
C VAL E 51 32.28 10.60 23.79
N PRO E 52 32.50 9.27 23.71
CA PRO E 52 33.85 8.72 23.90
C PRO E 52 34.78 9.05 22.77
N SER E 53 34.28 8.99 21.52
CA SER E 53 35.05 9.25 20.30
C SER E 53 34.27 10.08 19.28
N GLU E 54 34.99 10.61 18.28
CA GLU E 54 34.39 11.36 17.19
C GLU E 54 33.57 10.42 16.30
N GLY E 55 32.44 10.93 15.79
CA GLY E 55 31.59 10.17 14.88
C GLY E 55 30.14 10.62 14.75
N LEU E 56 29.39 9.88 13.89
CA LEU E 56 27.95 10.10 13.69
C LEU E 56 27.21 9.31 14.75
N TYR E 57 26.30 9.97 15.44
CA TYR E 57 25.53 9.34 16.51
C TYR E 57 24.04 9.57 16.37
N LEU E 58 23.23 8.59 16.82
CA LEU E 58 21.78 8.67 16.87
C LEU E 58 21.44 9.11 18.28
N ILE E 59 20.95 10.33 18.39
CA ILE E 59 20.60 10.85 19.70
C ILE E 59 19.10 10.82 19.77
N TYR E 60 18.59 10.23 20.84
CA TYR E 60 17.14 10.12 21.05
C TYR E 60 16.77 10.30 22.51
N SER E 61 15.52 10.63 22.77
CA SER E 61 15.02 10.79 24.11
C SER E 61 13.52 10.92 24.10
N GLN E 62 12.87 10.45 25.14
CA GLN E 62 11.45 10.63 25.32
C GLN E 62 11.21 10.95 26.78
N VAL E 63 10.25 11.84 27.01
CA VAL E 63 9.84 12.24 28.34
C VAL E 63 8.35 12.13 28.36
N LEU E 64 7.85 11.71 29.52
CA LEU E 64 6.42 11.58 29.71
C LEU E 64 5.94 12.62 30.71
N PHE E 65 4.82 13.29 30.41
CA PHE E 65 4.23 14.26 31.33
C PHE E 65 2.77 13.87 31.65
N LYS E 66 2.29 14.16 32.88
CA LYS E 66 0.90 13.90 33.30
C LYS E 66 0.37 15.02 34.25
N GLY E 67 -0.93 15.33 34.12
CA GLY E 67 -1.62 16.35 34.90
C GLY E 67 -2.96 15.90 35.45
N GLN E 68 -3.58 16.77 36.28
CA GLN E 68 -4.86 16.53 36.99
C GLN E 68 -5.98 17.46 36.53
N GLY E 69 -5.61 18.69 36.19
CA GLY E 69 -6.52 19.73 35.75
C GLY E 69 -5.80 20.81 34.99
N CYS E 70 -6.57 21.72 34.39
CA CYS E 70 -6.03 22.83 33.60
C CYS E 70 -6.36 24.20 34.24
N PRO E 71 -5.39 24.79 34.98
CA PRO E 71 -5.67 26.08 35.65
C PRO E 71 -5.70 27.30 34.72
N SER E 72 -6.01 28.49 35.30
CA SER E 72 -6.06 29.80 34.60
C SER E 72 -4.66 30.12 34.00
N THR E 73 -3.61 29.51 34.61
CA THR E 73 -2.21 29.56 34.20
C THR E 73 -2.02 28.43 33.19
N HIS E 74 -2.02 28.76 31.89
CA HIS E 74 -1.86 27.78 30.83
C HIS E 74 -0.39 27.40 30.69
N VAL E 75 -0.07 26.20 31.18
CA VAL E 75 1.25 25.57 31.26
C VAL E 75 1.95 25.38 29.89
N LEU E 76 3.29 25.51 29.92
CA LEU E 76 4.22 25.28 28.81
C LEU E 76 5.13 24.14 29.24
N LEU E 77 5.42 23.23 28.29
CA LEU E 77 6.27 22.07 28.54
C LEU E 77 7.40 22.01 27.52
N THR E 78 8.64 22.06 27.99
CA THR E 78 9.79 22.02 27.09
C THR E 78 10.65 20.80 27.40
N HIS E 79 11.24 20.20 26.34
CA HIS E 79 12.17 19.08 26.39
C HIS E 79 13.28 19.39 25.38
N THR E 80 14.54 19.43 25.85
CA THR E 80 15.66 19.81 25.00
C THR E 80 16.87 18.93 25.19
N ILE E 81 17.49 18.51 24.06
CA ILE E 81 18.77 17.79 24.02
C ILE E 81 19.83 18.81 23.59
N SER E 82 20.77 19.11 24.52
CA SER E 82 21.84 20.07 24.32
C SER E 82 23.20 19.40 24.18
N ARG E 83 24.11 20.09 23.48
CA ARG E 83 25.47 19.66 23.22
C ARG E 83 26.46 20.66 23.81
N ILE E 84 27.49 20.15 24.51
CA ILE E 84 28.56 20.97 25.07
C ILE E 84 29.87 20.41 24.54
N ALA E 85 30.60 21.18 23.74
CA ALA E 85 31.93 20.78 23.26
C ALA E 85 32.95 21.41 24.27
N VAL E 86 34.26 21.06 24.19
CA VAL E 86 35.21 21.67 25.15
C VAL E 86 35.58 23.12 24.71
N SER E 87 35.31 23.46 23.41
CA SER E 87 35.53 24.75 22.76
C SER E 87 34.91 25.98 23.49
N LYS E 91 26.93 25.57 25.42
CA LYS E 91 25.71 24.76 25.47
C LYS E 91 24.72 25.08 24.29
N VAL E 92 24.78 24.27 23.20
CA VAL E 92 24.00 24.46 21.96
C VAL E 92 22.87 23.40 21.81
N ASN E 93 21.63 23.88 21.54
CA ASN E 93 20.47 22.99 21.38
C ASN E 93 20.51 22.19 20.08
N LEU E 94 20.44 20.85 20.22
CA LEU E 94 20.43 19.94 19.07
C LEU E 94 19.01 19.66 18.63
N LEU E 95 18.18 19.25 19.62
CA LEU E 95 16.78 18.92 19.40
C LEU E 95 15.97 19.54 20.56
N SER E 96 14.84 20.15 20.22
CA SER E 96 13.99 20.79 21.20
C SER E 96 12.55 20.84 20.74
N ALA E 97 11.63 20.68 21.71
CA ALA E 97 10.20 20.74 21.47
C ALA E 97 9.54 21.43 22.64
N ILE E 98 8.38 22.00 22.39
CA ILE E 98 7.65 22.65 23.45
C ILE E 98 6.18 22.48 23.12
N LYS E 99 5.37 22.16 24.16
CA LYS E 99 3.95 21.96 24.02
C LYS E 99 3.14 22.68 25.13
N SER E 100 1.87 22.92 24.85
CA SER E 100 0.90 23.57 25.73
C SER E 100 -0.21 22.50 26.01
N PRO E 101 -0.22 21.83 27.19
CA PRO E 101 -1.25 20.80 27.43
C PRO E 101 -2.63 21.37 27.73
N CYS E 102 -2.72 22.68 28.00
CA CYS E 102 -3.96 23.36 28.35
C CYS E 102 -4.43 24.35 27.28
N GLN E 103 -5.64 24.14 26.75
N LYS E 113 -10.65 16.93 34.70
CA LYS E 113 -10.16 16.01 33.68
C LYS E 113 -8.61 15.96 33.68
N PRO E 114 -8.01 14.73 33.81
CA PRO E 114 -6.54 14.62 33.84
C PRO E 114 -5.86 14.47 32.47
N TRP E 115 -4.80 15.24 32.21
CA TRP E 115 -4.10 15.18 30.92
C TRP E 115 -2.78 14.37 30.96
N TYR E 116 -2.24 13.99 29.78
CA TYR E 116 -0.99 13.22 29.65
C TYR E 116 -0.31 13.66 28.34
N GLU E 117 0.96 14.16 28.39
CA GLU E 117 1.65 14.65 27.19
C GLU E 117 3.08 14.14 27.00
N PRO E 118 3.31 13.26 26.01
CA PRO E 118 4.69 12.78 25.78
C PRO E 118 5.46 13.73 24.86
N ILE E 119 6.80 13.79 25.03
CA ILE E 119 7.67 14.53 24.10
C ILE E 119 8.83 13.63 23.66
N TYR E 120 8.96 13.42 22.32
CA TYR E 120 9.98 12.54 21.72
C TYR E 120 10.82 13.29 20.65
N LEU E 121 12.14 13.21 20.82
CA LEU E 121 13.16 13.89 20.02
C LEU E 121 14.25 12.90 19.57
N GLY E 122 14.66 13.03 18.32
CA GLY E 122 15.72 12.19 17.79
C GLY E 122 16.25 12.65 16.45
N GLY E 123 17.55 12.45 16.27
CA GLY E 123 18.27 12.78 15.05
C GLY E 123 19.68 12.22 15.01
N VAL E 124 20.37 12.43 13.88
CA VAL E 124 21.74 12.01 13.64
C VAL E 124 22.65 13.22 13.69
N PHE E 125 23.72 13.12 14.48
CA PHE E 125 24.66 14.23 14.69
C PHE E 125 26.12 13.82 14.65
N GLN E 126 26.97 14.71 14.12
CA GLN E 126 28.44 14.52 14.10
C GLN E 126 28.91 15.11 15.44
N LEU E 127 29.55 14.28 16.24
CA LEU E 127 29.97 14.71 17.58
C LEU E 127 31.47 14.60 17.77
N GLU E 128 32.10 15.66 18.29
CA GLU E 128 33.52 15.64 18.56
C GLU E 128 33.73 14.89 19.90
N LYS E 129 34.93 14.29 20.09
CA LYS E 129 35.27 13.53 21.29
C LYS E 129 35.15 14.40 22.58
N GLY E 130 34.69 13.77 23.66
CA GLY E 130 34.50 14.41 24.95
C GLY E 130 33.44 15.49 24.97
N ASP E 131 32.37 15.30 24.18
CA ASP E 131 31.25 16.24 24.14
C ASP E 131 30.19 15.76 25.12
N ARG E 132 29.76 16.62 26.02
CA ARG E 132 28.70 16.26 26.96
C ARG E 132 27.34 16.58 26.32
N LEU E 133 26.33 15.73 26.57
CA LEU E 133 24.97 15.93 26.05
C LEU E 133 23.99 15.82 27.20
N SER E 134 23.07 16.79 27.30
CA SER E 134 22.07 16.81 28.38
C SER E 134 20.65 16.74 27.82
N ALA E 135 19.79 15.91 28.41
CA ALA E 135 18.37 15.84 28.05
C ALA E 135 17.64 16.53 29.21
N GLU E 136 17.10 17.73 28.95
CA GLU E 136 16.51 18.54 30.01
C GLU E 136 15.07 18.97 29.79
N ILE E 137 14.33 19.15 30.89
CA ILE E 137 12.94 19.61 30.85
C ILE E 137 12.76 20.82 31.75
N ASN E 138 11.70 21.62 31.52
CA ASN E 138 11.46 22.81 32.34
C ASN E 138 10.58 22.51 33.56
N ARG E 139 9.70 21.51 33.48
CA ARG E 139 8.76 21.22 34.57
C ARG E 139 8.89 19.80 35.13
N PRO E 140 9.89 19.52 36.01
CA PRO E 140 10.00 18.15 36.56
C PRO E 140 8.85 17.74 37.46
N ASP E 141 8.07 18.72 37.95
CA ASP E 141 6.90 18.49 38.80
C ASP E 141 5.80 17.80 38.00
N TYR E 142 5.78 18.01 36.66
CA TYR E 142 4.81 17.40 35.74
C TYR E 142 5.27 16.07 35.13
N LEU E 143 6.47 15.58 35.45
CA LEU E 143 6.95 14.28 34.94
C LEU E 143 6.05 13.12 35.41
N ASP E 144 5.98 12.03 34.61
CA ASP E 144 5.19 10.84 34.96
C ASP E 144 6.11 9.66 35.20
N PHE E 145 6.52 9.48 36.48
CA PHE E 145 7.45 8.43 36.92
C PHE E 145 6.82 7.02 36.85
N ALA E 146 5.46 6.94 36.90
CA ALA E 146 4.68 5.70 36.83
C ALA E 146 4.60 5.16 35.38
N GLU E 147 4.31 3.82 35.20
CA GLU E 147 4.20 3.10 33.89
C GLU E 147 5.57 3.01 33.11
N SER E 148 6.59 3.73 33.62
CA SER E 148 7.94 3.87 33.08
C SER E 148 8.84 2.59 33.35
N GLY E 149 10.18 2.61 33.13
CA GLY E 149 11.04 3.72 32.73
C GLY E 149 11.09 4.00 31.24
N GLN E 150 10.02 4.65 30.71
CA GLN E 150 9.86 5.08 29.32
C GLN E 150 10.22 6.57 29.14
N VAL E 151 10.74 7.19 30.22
CA VAL E 151 11.42 8.46 30.24
C VAL E 151 12.85 7.95 30.04
N TYR E 152 13.42 8.17 28.84
CA TYR E 152 14.77 7.72 28.51
C TYR E 152 15.53 8.77 27.69
N PHE E 153 16.80 8.49 27.36
CA PHE E 153 17.73 9.36 26.63
C PHE E 153 18.86 8.46 26.21
N GLY E 154 19.15 8.41 24.93
CA GLY E 154 20.19 7.51 24.48
C GLY E 154 21.00 8.03 23.32
N ILE E 155 22.12 7.32 23.04
CA ILE E 155 23.01 7.61 21.93
C ILE E 155 23.56 6.30 21.33
N ILE E 156 23.60 6.22 19.99
CA ILE E 156 24.11 5.03 19.30
C ILE E 156 25.02 5.50 18.20
N ALA E 157 26.30 5.12 18.26
CA ALA E 157 27.28 5.48 17.22
C ALA E 157 26.98 4.70 15.95
N LEU E 158 27.23 5.30 14.79
CA LEU E 158 26.95 4.59 13.54
C LEU E 158 28.21 4.03 12.88
N THR F 8 32.72 4.75 11.88
CA THR F 8 32.82 5.84 12.85
C THR F 8 33.48 7.13 12.25
N PRO F 9 32.86 7.84 11.26
CA PRO F 9 31.55 7.64 10.60
C PRO F 9 31.57 6.59 9.47
N SER F 10 30.50 5.77 9.41
CA SER F 10 30.32 4.68 8.44
C SER F 10 30.15 5.13 6.97
N ASP F 11 30.11 4.13 6.07
CA ASP F 11 29.87 4.26 4.62
C ASP F 11 28.38 4.58 4.35
N LYS F 12 27.59 4.61 5.45
CA LYS F 12 26.16 4.84 5.58
C LYS F 12 25.67 6.16 5.04
N PRO F 13 24.88 6.18 3.95
CA PRO F 13 24.26 7.44 3.53
C PRO F 13 23.37 8.02 4.66
N VAL F 14 23.74 9.22 5.16
CA VAL F 14 23.04 9.89 6.26
C VAL F 14 22.86 11.37 5.97
N ALA F 15 21.81 11.96 6.54
CA ALA F 15 21.51 13.38 6.43
C ALA F 15 20.69 13.83 7.62
N HIS F 16 20.91 15.07 8.05
CA HIS F 16 20.11 15.75 9.07
C HIS F 16 20.12 17.22 8.65
N VAL F 17 19.07 17.70 8.00
CA VAL F 17 18.97 19.06 7.50
C VAL F 17 17.91 19.90 8.28
N VAL F 18 18.26 21.16 8.58
CA VAL F 18 17.47 22.05 9.44
C VAL F 18 16.81 23.20 8.68
N ALA F 19 15.77 23.83 9.28
CA ALA F 19 15.02 24.94 8.66
C ALA F 19 15.82 26.22 8.70
N ASN F 20 15.86 26.93 7.56
CA ASN F 20 16.58 28.19 7.39
C ASN F 20 15.88 29.26 8.24
N PRO F 21 16.53 29.77 9.33
CA PRO F 21 15.84 30.75 10.20
C PRO F 21 15.67 32.08 9.49
N GLN F 22 16.65 32.41 8.63
CA GLN F 22 16.70 33.61 7.77
C GLN F 22 15.56 33.58 6.74
N ALA F 23 15.05 32.39 6.39
CA ALA F 23 13.93 32.24 5.47
C ALA F 23 12.63 32.71 6.16
N GLU F 24 11.49 32.78 5.41
CA GLU F 24 10.20 33.23 5.93
C GLU F 24 9.02 32.90 5.01
N GLY F 25 7.98 32.33 5.63
CA GLY F 25 6.74 31.97 4.95
C GLY F 25 6.86 30.75 4.08
N GLN F 26 7.94 29.99 4.29
CA GLN F 26 8.21 28.69 3.67
C GLN F 26 9.33 27.94 4.41
N LEU F 27 9.23 26.60 4.38
CA LEU F 27 10.10 25.65 5.05
C LEU F 27 11.24 25.28 4.12
N GLN F 28 12.37 25.94 4.30
CA GLN F 28 13.54 25.78 3.44
C GLN F 28 14.60 25.02 4.21
N TRP F 29 14.94 23.82 3.73
CA TRP F 29 15.95 22.94 4.34
C TRP F 29 17.37 23.34 4.03
N LEU F 30 18.25 23.24 5.04
CA LEU F 30 19.66 23.60 5.02
C LEU F 30 20.57 22.60 5.68
N ASN F 31 21.75 22.32 5.05
CA ASN F 31 22.81 21.45 5.59
C ASN F 31 24.05 22.27 5.94
N ARG F 32 24.13 23.47 5.33
CA ARG F 32 25.20 24.48 5.48
C ARG F 32 25.06 25.16 6.85
N ARG F 33 25.10 24.36 7.92
CA ARG F 33 24.99 24.80 9.32
C ARG F 33 25.72 23.79 10.25
N ALA F 34 25.91 24.22 11.50
CA ALA F 34 26.47 23.42 12.57
C ALA F 34 25.34 22.52 12.97
N ASN F 35 25.66 21.24 13.26
CA ASN F 35 24.70 20.19 13.65
C ASN F 35 23.59 20.06 12.60
N ALA F 36 24.01 20.07 11.33
CA ALA F 36 23.25 19.88 10.10
C ALA F 36 24.20 19.17 9.14
N LEU F 37 23.72 18.10 8.51
CA LEU F 37 24.54 17.22 7.69
C LEU F 37 23.95 16.66 6.39
N LEU F 38 24.90 16.34 5.47
CA LEU F 38 24.76 15.58 4.23
C LEU F 38 26.04 14.77 4.15
N ALA F 39 25.91 13.44 3.97
CA ALA F 39 27.04 12.52 3.97
C ALA F 39 26.82 11.29 3.14
N ASN F 40 27.94 10.69 2.68
CA ASN F 40 28.02 9.44 1.92
C ASN F 40 27.01 9.34 0.74
N GLY F 41 26.90 10.42 -0.02
CA GLY F 41 26.09 10.47 -1.22
C GLY F 41 24.73 11.15 -1.15
N VAL F 42 24.22 11.45 0.06
CA VAL F 42 22.92 12.12 0.20
C VAL F 42 23.04 13.54 -0.33
N GLU F 43 22.06 13.98 -1.14
CA GLU F 43 22.05 15.30 -1.76
C GLU F 43 20.82 16.08 -1.41
N LEU F 44 20.96 17.42 -1.22
CA LEU F 44 19.81 18.29 -1.01
C LEU F 44 19.56 19.07 -2.31
N ARG F 45 18.52 18.72 -3.06
CA ARG F 45 18.18 19.37 -4.33
C ARG F 45 16.73 19.83 -4.34
N ASP F 46 16.46 21.04 -4.75
CA ASP F 46 15.11 21.61 -4.83
C ASP F 46 14.30 21.28 -3.60
N ASN F 47 14.90 21.56 -2.41
CA ASN F 47 14.34 21.34 -1.06
C ASN F 47 14.03 19.86 -0.72
N GLN F 48 14.72 18.95 -1.40
CA GLN F 48 14.49 17.51 -1.26
C GLN F 48 15.75 16.70 -1.02
N LEU F 49 15.61 15.64 -0.25
CA LEU F 49 16.73 14.75 0.00
C LEU F 49 16.72 13.69 -1.09
N VAL F 50 17.87 13.48 -1.72
CA VAL F 50 18.06 12.52 -2.81
C VAL F 50 18.83 11.28 -2.30
N VAL F 51 18.17 10.11 -2.39
CA VAL F 51 18.74 8.86 -1.92
C VAL F 51 19.82 8.37 -2.91
N PRO F 52 21.06 8.13 -2.41
CA PRO F 52 22.14 7.73 -3.31
C PRO F 52 22.20 6.25 -3.68
N SER F 53 21.44 5.39 -2.93
CA SER F 53 21.46 3.93 -3.15
C SER F 53 20.27 3.21 -2.55
N GLU F 54 19.88 2.09 -3.18
CA GLU F 54 18.81 1.20 -2.71
C GLU F 54 19.14 0.74 -1.26
N GLY F 55 18.11 0.64 -0.41
CA GLY F 55 18.30 0.18 0.96
C GLY F 55 17.22 0.59 1.93
N LEU F 56 17.35 0.14 3.18
CA LEU F 56 16.43 0.47 4.27
C LEU F 56 16.91 1.73 4.93
N TYR F 57 16.01 2.69 5.16
CA TYR F 57 16.37 3.97 5.74
C TYR F 57 15.45 4.37 6.88
N LEU F 58 15.99 5.04 7.89
CA LEU F 58 15.16 5.66 8.93
C LEU F 58 14.86 7.01 8.37
N ILE F 59 13.63 7.39 8.34
CA ILE F 59 13.23 8.70 7.87
C ILE F 59 12.54 9.37 9.03
N TYR F 60 12.96 10.59 9.34
CA TYR F 60 12.44 11.34 10.46
C TYR F 60 12.38 12.85 10.18
N SER F 61 11.49 13.53 10.89
CA SER F 61 11.34 14.95 10.80
C SER F 61 10.53 15.47 12.01
N GLN F 62 10.87 16.72 12.42
CA GLN F 62 10.12 17.42 13.45
C GLN F 62 9.89 18.81 12.97
N VAL F 63 8.72 19.35 13.29
CA VAL F 63 8.32 20.71 12.98
C VAL F 63 7.69 21.26 14.24
N LEU F 64 7.92 22.54 14.53
CA LEU F 64 7.26 23.16 15.67
C LEU F 64 6.33 24.28 15.22
N PHE F 65 5.08 24.21 15.62
CA PHE F 65 4.14 25.27 15.31
C PHE F 65 3.85 26.06 16.58
N LYS F 66 3.82 27.38 16.41
CA LYS F 66 3.58 28.37 17.46
C LYS F 66 2.55 29.38 16.93
N GLY F 67 1.51 29.65 17.72
CA GLY F 67 0.47 30.59 17.36
C GLY F 67 0.05 31.41 18.55
N GLN F 68 0.09 32.74 18.42
CA GLN F 68 -0.29 33.67 19.49
C GLN F 68 -1.82 33.73 19.53
N GLY F 69 -2.40 33.07 20.53
CA GLY F 69 -3.85 32.96 20.70
C GLY F 69 -4.55 32.15 19.62
N CYS F 70 -5.83 31.87 19.83
CA CYS F 70 -6.61 31.09 18.87
C CYS F 70 -7.52 31.92 17.98
N PRO F 71 -7.33 31.84 16.63
CA PRO F 71 -8.20 32.61 15.72
C PRO F 71 -9.65 32.14 15.65
N SER F 72 -10.50 32.94 14.96
CA SER F 72 -11.92 32.69 14.74
C SER F 72 -12.12 31.27 14.22
N THR F 73 -11.42 30.96 13.11
CA THR F 73 -11.40 29.65 12.48
C THR F 73 -10.53 28.70 13.30
N HIS F 74 -10.82 27.39 13.18
CA HIS F 74 -10.06 26.36 13.87
C HIS F 74 -9.09 25.77 12.88
N VAL F 75 -7.81 26.11 13.10
CA VAL F 75 -6.64 25.84 12.29
C VAL F 75 -6.35 24.36 12.13
N LEU F 76 -5.87 24.00 10.91
CA LEU F 76 -5.42 22.70 10.49
C LEU F 76 -3.91 22.76 10.30
N LEU F 77 -3.16 21.99 11.09
CA LEU F 77 -1.71 21.91 11.06
C LEU F 77 -1.28 20.53 10.55
N THR F 78 -0.67 20.46 9.35
CA THR F 78 -0.23 19.20 8.77
C THR F 78 1.25 19.15 8.55
N HIS F 79 1.85 17.97 8.76
CA HIS F 79 3.26 17.67 8.49
C HIS F 79 3.31 16.34 7.76
N THR F 80 4.03 16.30 6.64
CA THR F 80 4.05 15.12 5.80
C THR F 80 5.39 14.90 5.16
N ILE F 81 5.88 13.64 5.27
CA ILE F 81 7.10 13.16 4.60
C ILE F 81 6.68 12.34 3.38
N SER F 82 6.97 12.85 2.17
CA SER F 82 6.62 12.25 0.89
C SER F 82 7.82 11.66 0.17
N ARG F 83 7.54 10.67 -0.67
CA ARG F 83 8.53 9.94 -1.45
C ARG F 83 8.21 10.08 -2.93
N ILE F 84 9.23 10.42 -3.71
CA ILE F 84 9.08 10.57 -5.15
C ILE F 84 10.02 9.58 -5.78
N ALA F 85 9.43 8.50 -6.29
CA ALA F 85 10.19 7.44 -6.94
C ALA F 85 10.61 7.96 -8.28
N VAL F 86 11.87 7.69 -8.63
CA VAL F 86 12.53 8.16 -9.85
C VAL F 86 11.83 7.74 -11.20
N SER F 87 11.04 6.65 -11.20
CA SER F 87 10.37 6.11 -12.39
C SER F 87 9.14 6.90 -12.83
N TYR F 88 8.06 6.88 -12.02
CA TYR F 88 6.80 7.53 -12.40
C TYR F 88 6.57 8.87 -11.75
N GLN F 89 7.59 9.45 -11.09
CA GLN F 89 7.52 10.79 -10.48
C GLN F 89 6.19 10.99 -9.69
N THR F 90 5.68 9.89 -9.16
CA THR F 90 4.47 9.90 -8.35
C THR F 90 4.89 10.31 -6.95
N LYS F 91 4.16 11.26 -6.33
CA LYS F 91 4.45 11.66 -4.97
C LYS F 91 3.55 10.84 -4.00
N VAL F 92 4.16 10.00 -3.14
CA VAL F 92 3.46 9.11 -2.19
C VAL F 92 3.80 9.42 -0.72
N ASN F 93 2.76 9.63 0.13
CA ASN F 93 2.96 9.96 1.56
C ASN F 93 3.47 8.77 2.34
N LEU F 94 4.61 8.93 3.02
CA LEU F 94 5.21 7.93 3.87
C LEU F 94 4.71 8.07 5.28
N LEU F 95 4.87 9.28 5.84
CA LEU F 95 4.46 9.62 7.21
C LEU F 95 3.74 10.94 7.20
N SER F 96 2.71 11.03 7.99
CA SER F 96 1.88 12.20 8.06
C SER F 96 1.15 12.34 9.39
N ALA F 97 0.89 13.57 9.78
CA ALA F 97 0.14 13.90 10.98
C ALA F 97 -0.63 15.18 10.76
N ILE F 98 -1.77 15.31 11.44
CA ILE F 98 -2.71 16.44 11.44
C ILE F 98 -3.01 16.76 12.91
N LYS F 99 -3.02 18.03 13.30
CA LYS F 99 -3.31 18.47 14.67
C LYS F 99 -4.18 19.73 14.62
N SER F 100 -5.17 19.83 15.53
CA SER F 100 -6.07 20.98 15.61
C SER F 100 -5.67 21.72 16.88
N PRO F 101 -4.89 22.82 16.82
CA PRO F 101 -4.47 23.44 18.08
C PRO F 101 -5.56 24.28 18.74
N CYS F 102 -6.62 24.59 17.99
CA CYS F 102 -7.72 25.42 18.48
C CYS F 102 -9.03 24.69 18.61
N GLN F 103 -9.69 24.97 19.74
CA GLN F 103 -11.00 24.46 20.14
C GLN F 103 -11.91 25.67 20.43
N ARG F 104 -11.32 26.75 21.01
CA ARG F 104 -11.99 28.01 21.36
C ARG F 104 -11.80 29.06 20.25
N GLU F 105 -12.91 29.71 19.83
CA GLU F 105 -12.94 30.77 18.81
C GLU F 105 -12.34 32.03 19.44
N LYS F 113 -2.59 34.30 25.38
CA LYS F 113 -2.02 32.96 25.63
C LYS F 113 -1.58 32.22 24.32
N PRO F 114 -0.25 32.13 24.08
CA PRO F 114 0.26 31.43 22.89
C PRO F 114 0.25 29.91 23.01
N TRP F 115 -0.18 29.21 21.94
CA TRP F 115 -0.19 27.74 21.87
C TRP F 115 1.06 27.21 21.17
N TYR F 116 1.43 25.96 21.50
CA TYR F 116 2.59 25.26 20.95
C TYR F 116 2.22 23.84 20.58
N GLU F 117 2.44 23.50 19.30
CA GLU F 117 2.19 22.15 18.80
C GLU F 117 3.38 21.61 18.02
N PRO F 118 4.15 20.68 18.61
CA PRO F 118 5.22 20.04 17.84
C PRO F 118 4.67 18.80 17.10
N ILE F 119 5.24 18.50 15.92
CA ILE F 119 4.87 17.30 15.16
C ILE F 119 6.15 16.58 14.83
N TYR F 120 6.30 15.32 15.34
CA TYR F 120 7.44 14.41 15.13
C TYR F 120 6.97 13.18 14.32
N LEU F 121 7.61 12.94 13.17
CA LEU F 121 7.32 11.81 12.29
C LEU F 121 8.58 10.98 12.12
N GLY F 122 8.43 9.65 12.14
CA GLY F 122 9.57 8.75 11.92
C GLY F 122 9.21 7.29 11.71
N GLY F 123 9.98 6.61 10.85
CA GLY F 123 9.82 5.20 10.49
C GLY F 123 10.93 4.64 9.63
N VAL F 124 10.87 3.33 9.33
CA VAL F 124 11.84 2.63 8.49
C VAL F 124 11.24 2.32 7.12
N PHE F 125 11.94 2.62 6.03
CA PHE F 125 11.41 2.48 4.67
C PHE F 125 12.46 1.98 3.66
N GLN F 126 12.01 1.19 2.67
CA GLN F 126 12.86 0.69 1.58
C GLN F 126 12.82 1.76 0.52
N LEU F 127 13.97 2.30 0.16
CA LEU F 127 14.09 3.34 -0.86
C LEU F 127 15.09 2.90 -1.95
N GLU F 128 14.82 3.30 -3.19
CA GLU F 128 15.63 2.98 -4.37
C GLU F 128 16.43 4.20 -4.78
N LYS F 129 17.63 4.00 -5.39
CA LYS F 129 18.53 5.07 -5.83
C LYS F 129 17.79 6.08 -6.69
N GLY F 130 17.90 7.37 -6.33
CA GLY F 130 17.29 8.46 -7.09
C GLY F 130 16.00 9.01 -6.54
N ASP F 131 15.47 8.37 -5.49
CA ASP F 131 14.24 8.80 -4.83
C ASP F 131 14.43 10.15 -4.18
N ARG F 132 13.47 11.01 -4.39
CA ARG F 132 13.49 12.32 -3.76
C ARG F 132 12.47 12.32 -2.59
N LEU F 133 12.92 12.74 -1.43
CA LEU F 133 12.12 12.78 -0.21
C LEU F 133 11.84 14.22 0.20
N SER F 134 10.60 14.51 0.57
CA SER F 134 10.25 15.86 0.99
C SER F 134 9.50 15.95 2.34
N ALA F 135 9.91 16.88 3.21
CA ALA F 135 9.25 17.13 4.49
C ALA F 135 8.47 18.44 4.34
N GLU F 136 7.15 18.35 4.31
CA GLU F 136 6.31 19.51 3.99
C GLU F 136 5.23 19.82 5.02
N ILE F 137 4.84 21.10 5.09
CA ILE F 137 3.79 21.56 5.99
C ILE F 137 2.76 22.41 5.24
N ASN F 138 1.56 22.56 5.78
CA ASN F 138 0.52 23.38 5.15
C ASN F 138 0.56 24.86 5.61
N ARG F 139 1.02 25.14 6.83
CA ARG F 139 0.99 26.50 7.37
C ARG F 139 2.37 27.01 7.78
N PRO F 140 3.20 27.50 6.83
CA PRO F 140 4.54 28.01 7.19
C PRO F 140 4.52 29.27 8.03
N ASP F 141 3.36 29.98 8.05
CA ASP F 141 3.15 31.19 8.84
C ASP F 141 3.14 30.87 10.32
N TYR F 142 2.72 29.63 10.68
CA TYR F 142 2.67 29.13 12.05
C TYR F 142 3.93 28.41 12.52
N LEU F 143 4.97 28.30 11.65
CA LEU F 143 6.25 27.69 12.03
C LEU F 143 6.96 28.46 13.13
N ASP F 144 7.82 27.75 13.87
CA ASP F 144 8.61 28.33 14.94
C ASP F 144 10.04 27.85 14.92
N PHE F 145 10.87 28.42 14.04
CA PHE F 145 12.30 28.10 13.94
C PHE F 145 13.14 29.16 14.72
N ALA F 146 12.46 29.81 15.71
CA ALA F 146 12.97 30.84 16.61
C ALA F 146 14.27 30.41 17.35
N GLU F 147 14.25 29.21 17.93
CA GLU F 147 15.36 28.65 18.66
C GLU F 147 15.80 27.41 17.90
N SER F 148 17.10 27.06 18.00
CA SER F 148 17.72 25.91 17.35
C SER F 148 17.05 24.60 17.70
N GLY F 149 17.06 23.69 16.73
CA GLY F 149 16.58 22.32 16.85
C GLY F 149 15.10 22.11 17.05
N GLN F 150 14.28 23.08 16.61
CA GLN F 150 12.82 22.97 16.68
C GLN F 150 12.24 22.36 15.35
N VAL F 151 13.03 22.45 14.24
CA VAL F 151 12.61 22.06 12.91
C VAL F 151 13.75 21.37 12.16
N TYR F 152 13.59 20.07 11.88
CA TYR F 152 14.60 19.26 11.19
C TYR F 152 14.01 18.13 10.36
N PHE F 153 14.85 17.56 9.47
CA PHE F 153 14.56 16.49 8.54
C PHE F 153 15.80 15.58 8.40
N GLY F 154 15.63 14.27 8.54
CA GLY F 154 16.77 13.37 8.41
C GLY F 154 16.50 11.97 7.91
N ILE F 155 17.56 11.36 7.33
CA ILE F 155 17.55 9.98 6.85
C ILE F 155 18.80 9.28 7.33
N ILE F 156 18.66 8.03 7.77
CA ILE F 156 19.78 7.22 8.23
C ILE F 156 19.66 5.84 7.59
N ALA F 157 20.63 5.47 6.73
CA ALA F 157 20.63 4.15 6.09
C ALA F 157 20.92 3.07 7.14
N LEU F 158 20.36 1.89 6.97
CA LEU F 158 20.66 0.82 7.93
C LEU F 158 21.69 -0.18 7.37
N1 UTY G . 4.47 -9.82 -25.34
N3 UTY G . 2.33 -7.57 -21.69
C4 UTY G . 4.42 -8.45 -24.80
C5 UTY G . 5.40 -10.29 -26.21
C6 UTY G . 6.49 -9.35 -26.69
C7 UTY G . 2.21 -8.83 -22.12
C8 UTY G . 0.24 -9.17 -21.07
C10 UTY G . 1.35 -7.14 -20.89
C13 UTY G . -1.67 -6.09 -17.80
C15 UTY G . -4.11 -6.70 -17.11
C17 UTY G . -6.26 -6.40 -18.46
C20 UTY G . -4.65 -10.10 -20.39
C21 UTY G . -4.42 -10.97 -19.32
C22 UTY G . -4.02 -12.28 -19.57
C24 UTY G . -4.50 -10.64 -21.67
C26 UTY G . -3.19 -7.48 -19.06
N6 UTY G . -4.80 -8.95 -23.62
C25 UTY G . -4.65 -9.72 -22.78
N5 UTY G . -4.13 -11.91 -21.94
C23 UTY G . -3.88 -12.69 -20.88
C19 UTY G . -5.04 -8.66 -20.19
N4 UTY G . -4.46 -8.04 -19.00
C16 UTY G . -5.27 -7.44 -17.91
C18 UTY G . -5.97 -8.51 -17.08
O2 UTY G . -4.23 -6.30 -15.97
C14 UTY G . -2.96 -6.59 -18.01
C12 UTY G . -0.64 -6.48 -18.65
C27 UTY G . -2.17 -7.84 -19.93
C11 UTY G . -0.86 -7.35 -19.72
C9 UTY G . 0.25 -7.89 -20.53
N2 UTY G . 1.19 -9.66 -21.87
N UTY G . 3.24 -9.34 -22.86
C2 UTY G . 3.32 -10.71 -23.35
C3 UTY G . 4.36 -8.49 -23.29
C1 UTY G . 3.42 -10.74 -24.86
C UTY G . 2.09 -10.47 -25.53
O UTY G . 5.36 -11.42 -26.65
O1 UTY G . 6.70 -9.59 -28.07
N1 UTY H . 21.41 1.37 13.92
N3 UTY H . 18.49 2.70 17.54
C4 UTY H . 21.51 1.47 15.39
C5 UTY H . 22.31 0.78 13.08
C6 UTY H . 23.62 0.25 13.66
C7 UTY H . 18.13 2.43 16.27
C8 UTY H . 16.18 3.58 16.40
C10 UTY H . 17.63 3.48 18.23
C13 UTY H . 14.18 5.32 20.46
C15 UTY H . 12.36 7.18 20.14
C17 UTY H . 12.73 9.62 19.51
C20 UTY H . 13.31 7.90 15.44
C21 UTY H . 12.19 7.07 15.28
C22 UTY H . 11.97 6.41 14.09
C24 UTY H . 14.15 8.04 14.32
C26 UTY H . 13.86 6.63 18.46
N6 UTY H . 16.20 9.63 14.39
C25 UTY H . 15.29 8.93 14.39
N5 UTY H . 13.97 7.40 13.15
C23 UTY H . 12.88 6.60 13.05
C19 UTY H . 13.61 8.48 16.80
N4 UTY H . 13.11 7.71 17.94
C16 UTY H . 12.21 8.28 18.99
C18 UTY H . 10.77 8.39 18.49
O2 UTY H . 11.67 7.12 21.13
C14 UTY H . 13.49 6.31 19.77
C12 UTY H . 15.21 4.63 19.81
C27 UTY H . 14.88 5.93 17.82
C11 UTY H . 15.55 4.89 18.48
C9 UTY H . 16.45 3.98 17.71
N2 UTY H . 17.00 2.83 15.66
N UTY H . 19.07 1.80 15.49
C2 UTY H . 18.97 1.71 14.03
C3 UTY H . 20.20 1.05 16.05
C1 UTY H . 20.26 2.06 13.30
C UTY H . 20.50 3.55 13.16
O UTY H . 22.07 0.62 11.89
O1 UTY H . 24.72 0.64 12.84
#